data_6XZM
#
_entry.id   6XZM
#
_cell.length_a   98.266
_cell.length_b   98.266
_cell.length_c   138.836
_cell.angle_alpha   90.000
_cell.angle_beta   90.000
_cell.angle_gamma   120.000
#
_symmetry.space_group_name_H-M   'P 32 2 1'
#
loop_
_entity.id
_entity.type
_entity.pdbx_description
1 polymer 'Ultraviolet-B receptor UVR8'
2 non-polymer 'NITRATE ION'
3 non-polymer DI(HYDROXYETHYL)ETHER
4 non-polymer 'TRIETHYLENE GLYCOL'
5 water water
#
_entity_poly.entity_id   1
_entity_poly.type   'polypeptide(L)'
_entity_poly.pdbx_seq_one_letter_code
;GAMAPPRKVLIISAGASHSVALLSGDIVCSWGRGEDGQLGHGDAEDRPSPTQLSALDGHQIVSVTCGADHTVAYSQSGME
VYSWGWGNFGRLGHGNSSNLFTPLPIKALHGIRIKQIACGDSHCLAVTMEGEVQSWGRNQNGQLGLGDTEDSLVPQKIQA
FEGIRIKMVAAGAEHTAAVTEDGDLYGWGWGRYGNLGLGDRTDRLVPERVTSTGGEKMSMVACGWRHTISVSYSGALYTY
GWSKYGQLGHGDLEDHLIPHKLEALSNSFISQISGGARHTMALTSDGKLYGWGWNKFGQVGVGNNLDQ(CME)SPVQVRF
PDDQKVVQVSCGWRHTLAVTERNNVFAWGRGTNGQLGIGESVDRNFPKIIEALSVDG
;
_entity_poly.pdbx_strand_id   A,B
#
loop_
_chem_comp.id
_chem_comp.type
_chem_comp.name
_chem_comp.formula
NO3 non-polymer 'NITRATE ION' 'N O3 -1'
PEG non-polymer DI(HYDROXYETHYL)ETHER 'C4 H10 O3'
PGE non-polymer 'TRIETHYLENE GLYCOL' 'C6 H14 O4'
#
# COMPACT_ATOMS: atom_id res chain seq x y z
N ARG A 7 -22.94 -22.82 -18.31
CA ARG A 7 -22.05 -22.74 -17.15
C ARG A 7 -20.58 -23.06 -17.48
N LYS A 8 -20.14 -22.90 -18.75
CA LYS A 8 -18.72 -23.03 -19.07
C LYS A 8 -17.97 -21.79 -18.57
N VAL A 9 -16.96 -22.03 -17.73
CA VAL A 9 -16.03 -21.00 -17.28
C VAL A 9 -15.09 -20.66 -18.43
N LEU A 10 -15.09 -19.40 -18.85
CA LEU A 10 -14.40 -18.98 -20.07
C LEU A 10 -13.07 -18.30 -19.83
N ILE A 11 -13.02 -17.32 -18.92
CA ILE A 11 -11.79 -16.61 -18.56
C ILE A 11 -11.71 -16.58 -17.04
N ILE A 12 -10.51 -16.79 -16.50
CA ILE A 12 -10.21 -16.54 -15.09
C ILE A 12 -9.09 -15.51 -14.98
N SER A 13 -9.18 -14.64 -13.98
CA SER A 13 -8.12 -13.67 -13.71
C SER A 13 -8.07 -13.49 -12.21
N ALA A 14 -6.88 -13.13 -11.71
CA ALA A 14 -6.64 -12.92 -10.28
C ALA A 14 -5.71 -11.73 -10.03
N GLY A 15 -5.97 -11.00 -8.96
CA GLY A 15 -5.13 -9.89 -8.52
C GLY A 15 -4.62 -10.13 -7.12
N ALA A 16 -4.54 -9.08 -6.33
CA ALA A 16 -3.85 -9.21 -5.05
C ALA A 16 -4.65 -10.08 -4.11
N SER A 17 -5.95 -9.84 -4.04
CA SER A 17 -6.76 -10.55 -3.06
C SER A 17 -8.16 -10.81 -3.62
N HIS A 18 -8.33 -10.74 -4.93
CA HIS A 18 -9.61 -11.00 -5.53
C HIS A 18 -9.41 -11.81 -6.79
N SER A 19 -10.52 -12.27 -7.33
CA SER A 19 -10.55 -13.23 -8.41
C SER A 19 -11.81 -12.94 -9.21
N VAL A 20 -11.71 -12.95 -10.53
CA VAL A 20 -12.90 -12.77 -11.33
C VAL A 20 -12.90 -13.85 -12.40
N ALA A 21 -14.09 -14.11 -12.93
CA ALA A 21 -14.35 -15.14 -13.92
C ALA A 21 -15.45 -14.69 -14.89
N LEU A 22 -15.25 -14.96 -16.16
CA LEU A 22 -16.29 -14.85 -17.17
C LEU A 22 -16.83 -16.26 -17.42
N LEU A 23 -18.16 -16.40 -17.40
CA LEU A 23 -18.84 -17.64 -17.71
C LEU A 23 -19.62 -17.50 -19.01
N SER A 24 -19.83 -18.65 -19.66
CA SER A 24 -20.74 -18.70 -20.81
C SER A 24 -22.11 -18.19 -20.39
N GLY A 25 -22.83 -17.69 -21.37
CA GLY A 25 -24.09 -17.08 -21.07
C GLY A 25 -23.99 -15.64 -20.62
N ASP A 26 -22.83 -15.01 -20.76
CA ASP A 26 -22.66 -13.58 -20.56
C ASP A 26 -22.85 -13.16 -19.10
N ILE A 27 -22.08 -13.77 -18.23
CA ILE A 27 -22.12 -13.53 -16.80
C ILE A 27 -20.69 -13.35 -16.31
N VAL A 28 -20.45 -12.32 -15.53
CA VAL A 28 -19.19 -12.14 -14.83
C VAL A 28 -19.42 -12.49 -13.38
N CYS A 29 -18.47 -13.24 -12.80
CA CYS A 29 -18.40 -13.55 -11.38
C CYS A 29 -17.13 -12.98 -10.78
N SER A 30 -17.23 -12.52 -9.54
CA SER A 30 -16.07 -12.01 -8.82
C SER A 30 -16.17 -12.46 -7.38
N TRP A 31 -15.02 -12.57 -6.73
CA TRP A 31 -14.99 -12.90 -5.32
C TRP A 31 -13.62 -12.51 -4.74
N GLY A 32 -13.53 -12.58 -3.42
CA GLY A 32 -12.33 -12.21 -2.71
C GLY A 32 -12.48 -10.93 -1.92
N ARG A 33 -11.45 -10.08 -1.98
CA ARG A 33 -11.49 -8.84 -1.22
C ARG A 33 -12.37 -7.85 -1.94
N GLY A 34 -13.29 -7.23 -1.21
CA GLY A 34 -14.20 -6.29 -1.84
C GLY A 34 -14.08 -4.86 -1.33
N GLU A 35 -13.31 -4.66 -0.29
CA GLU A 35 -13.36 -3.42 0.47
C GLU A 35 -12.81 -2.21 -0.29
N ASP A 36 -12.09 -2.40 -1.39
CA ASP A 36 -11.70 -1.29 -2.26
C ASP A 36 -12.53 -1.22 -3.54
N GLY A 37 -13.69 -1.88 -3.56
CA GLY A 37 -14.51 -1.94 -4.75
C GLY A 37 -14.11 -2.91 -5.85
N GLN A 38 -13.06 -3.75 -5.66
CA GLN A 38 -12.56 -4.61 -6.73
C GLN A 38 -13.58 -5.61 -7.26
N LEU A 39 -14.63 -5.91 -6.49
CA LEU A 39 -15.57 -6.95 -6.87
C LEU A 39 -16.70 -6.40 -7.73
N GLY A 40 -16.93 -5.09 -7.66
CA GLY A 40 -17.83 -4.46 -8.61
C GLY A 40 -19.31 -4.67 -8.36
N HIS A 41 -19.71 -5.03 -7.15
CA HIS A 41 -21.10 -5.35 -6.84
C HIS A 41 -21.86 -4.15 -6.25
N GLY A 42 -21.29 -2.96 -6.33
CA GLY A 42 -21.92 -1.80 -5.73
C GLY A 42 -21.72 -1.60 -4.24
N ASP A 43 -20.96 -2.45 -3.58
CA ASP A 43 -20.67 -2.24 -2.17
C ASP A 43 -19.20 -2.62 -1.90
N ALA A 44 -18.79 -2.56 -0.64
CA ALA A 44 -17.40 -2.80 -0.24
C ALA A 44 -17.27 -4.03 0.63
N GLU A 45 -18.08 -5.02 0.37
CA GLU A 45 -18.07 -6.25 1.14
C GLU A 45 -17.25 -7.32 0.43
N ASP A 46 -16.51 -8.08 1.23
CA ASP A 46 -15.84 -9.26 0.74
C ASP A 46 -16.88 -10.33 0.43
N ARG A 47 -16.53 -11.22 -0.52
CA ARG A 47 -17.36 -12.34 -0.99
C ARG A 47 -16.49 -13.58 -1.11
N PRO A 48 -16.66 -14.57 -0.24
CA PRO A 48 -15.80 -15.75 -0.28
C PRO A 48 -16.25 -16.84 -1.24
N SER A 49 -17.40 -16.64 -1.90
CA SER A 49 -17.85 -17.51 -2.96
C SER A 49 -18.07 -16.69 -4.22
N PRO A 50 -17.88 -17.27 -5.41
CA PRO A 50 -18.17 -16.54 -6.66
C PRO A 50 -19.54 -15.87 -6.64
N THR A 51 -19.55 -14.59 -7.01
CA THR A 51 -20.72 -13.73 -6.87
C THR A 51 -20.95 -13.04 -8.19
N GLN A 52 -22.11 -13.30 -8.78
CA GLN A 52 -22.46 -12.78 -10.08
C GLN A 52 -22.42 -11.26 -10.04
N LEU A 53 -21.88 -10.66 -11.09
CA LEU A 53 -21.71 -9.21 -11.16
C LEU A 53 -22.85 -8.69 -12.02
N SER A 54 -23.97 -8.37 -11.36
CA SER A 54 -25.22 -8.15 -12.09
C SER A 54 -25.11 -6.96 -13.04
N ALA A 55 -24.38 -5.92 -12.64
CA ALA A 55 -24.16 -4.77 -13.53
C ALA A 55 -23.67 -5.15 -14.92
N LEU A 56 -23.08 -6.31 -15.11
CA LEU A 56 -22.59 -6.71 -16.43
C LEU A 56 -23.42 -7.79 -17.10
N ASP A 57 -24.47 -8.31 -16.47
CA ASP A 57 -25.43 -9.16 -17.20
C ASP A 57 -25.78 -8.57 -18.58
N GLY A 58 -25.43 -9.27 -19.65
CA GLY A 58 -25.87 -8.87 -20.97
C GLY A 58 -25.08 -7.75 -21.64
N HIS A 59 -24.00 -7.27 -21.03
CA HIS A 59 -23.09 -6.38 -21.73
C HIS A 59 -22.20 -7.12 -22.73
N GLN A 60 -22.44 -8.41 -22.94
CA GLN A 60 -21.68 -9.19 -23.91
C GLN A 60 -20.18 -9.01 -23.69
N ILE A 61 -19.76 -9.19 -22.44
CA ILE A 61 -18.34 -9.12 -22.10
C ILE A 61 -17.64 -10.32 -22.72
N VAL A 62 -16.38 -10.14 -23.14
CA VAL A 62 -15.59 -11.24 -23.71
C VAL A 62 -14.28 -11.47 -22.97
N SER A 63 -13.80 -10.53 -22.17
CA SER A 63 -12.60 -10.76 -21.35
C SER A 63 -12.71 -9.96 -20.07
N VAL A 64 -11.98 -10.45 -19.07
CA VAL A 64 -11.81 -9.80 -17.78
C VAL A 64 -10.34 -9.96 -17.40
N THR A 65 -9.81 -8.96 -16.67
CA THR A 65 -8.41 -8.95 -16.22
C THR A 65 -8.34 -8.19 -14.91
N CYS A 66 -7.59 -8.72 -13.96
CA CYS A 66 -7.37 -8.07 -12.69
C CYS A 66 -5.99 -7.41 -12.67
N GLY A 67 -5.93 -6.19 -12.14
CA GLY A 67 -4.71 -5.67 -11.58
C GLY A 67 -4.74 -6.00 -10.11
N ALA A 68 -3.82 -5.41 -9.37
CA ALA A 68 -3.73 -5.76 -7.96
C ALA A 68 -5.09 -5.57 -7.25
N ASP A 69 -5.71 -4.41 -7.42
CA ASP A 69 -6.88 -4.03 -6.65
C ASP A 69 -7.92 -3.36 -7.55
N HIS A 70 -7.89 -3.63 -8.85
CA HIS A 70 -8.96 -3.21 -9.75
C HIS A 70 -9.18 -4.32 -10.77
N THR A 71 -10.28 -4.21 -11.52
CA THR A 71 -10.60 -5.12 -12.59
C THR A 71 -10.99 -4.34 -13.83
N VAL A 72 -10.74 -4.92 -14.99
CA VAL A 72 -11.10 -4.34 -16.28
C VAL A 72 -11.79 -5.42 -17.11
N ALA A 73 -12.88 -5.04 -17.80
CA ALA A 73 -13.63 -5.94 -18.68
C ALA A 73 -13.89 -5.25 -20.01
N TYR A 74 -14.00 -6.02 -21.09
CA TYR A 74 -14.42 -5.41 -22.36
C TYR A 74 -15.36 -6.30 -23.16
N SER A 75 -16.15 -5.63 -24.01
CA SER A 75 -17.09 -6.23 -24.94
C SER A 75 -16.67 -5.83 -26.34
N GLN A 76 -16.63 -6.81 -27.25
CA GLN A 76 -16.29 -6.53 -28.65
C GLN A 76 -17.51 -6.05 -29.41
N SER A 77 -18.66 -6.68 -29.20
CA SER A 77 -19.87 -6.24 -29.88
C SER A 77 -20.30 -4.86 -29.39
N GLY A 78 -20.21 -4.61 -28.08
CA GLY A 78 -20.49 -3.28 -27.57
C GLY A 78 -19.36 -2.27 -27.74
N MET A 79 -18.17 -2.72 -28.15
CA MET A 79 -17.01 -1.85 -28.30
C MET A 79 -16.83 -0.93 -27.09
N GLU A 80 -16.78 -1.56 -25.92
CA GLU A 80 -16.89 -0.85 -24.66
C GLU A 80 -15.99 -1.56 -23.65
N VAL A 81 -15.16 -0.77 -22.96
CA VAL A 81 -14.29 -1.25 -21.89
C VAL A 81 -14.81 -0.70 -20.58
N TYR A 82 -14.78 -1.53 -19.54
CA TYR A 82 -15.28 -1.16 -18.22
C TYR A 82 -14.19 -1.35 -17.17
N SER A 83 -14.26 -0.60 -16.08
CA SER A 83 -13.29 -0.81 -15.00
C SER A 83 -13.91 -0.50 -13.64
N TRP A 84 -13.34 -1.12 -12.62
CA TRP A 84 -13.77 -0.82 -11.27
C TRP A 84 -12.69 -1.18 -10.28
N GLY A 85 -12.88 -0.68 -9.05
CA GLY A 85 -11.98 -0.87 -7.93
C GLY A 85 -11.21 0.38 -7.53
N TRP A 86 -10.05 0.16 -6.92
CA TRP A 86 -9.20 1.24 -6.43
C TRP A 86 -8.79 2.16 -7.56
N GLY A 87 -8.86 3.46 -7.32
CA GLY A 87 -8.75 4.40 -8.42
C GLY A 87 -7.48 5.22 -8.41
N ASN A 88 -6.66 5.04 -7.40
CA ASN A 88 -5.52 5.93 -7.22
C ASN A 88 -4.55 5.80 -8.39
N PHE A 89 -3.94 6.93 -8.74
CA PHE A 89 -2.95 7.06 -9.80
C PHE A 89 -3.54 6.89 -11.18
N GLY A 90 -4.86 6.87 -11.30
CA GLY A 90 -5.47 6.83 -12.60
C GLY A 90 -5.67 5.45 -13.20
N ARG A 91 -5.53 4.39 -12.40
CA ARG A 91 -5.45 3.05 -13.00
C ARG A 91 -6.75 2.62 -13.67
N LEU A 92 -7.89 3.23 -13.28
CA LEU A 92 -9.18 2.92 -13.87
C LEU A 92 -9.42 3.64 -15.19
N GLY A 93 -8.64 4.67 -15.50
CA GLY A 93 -8.63 5.25 -16.81
C GLY A 93 -9.74 6.24 -17.13
N HIS A 94 -10.37 6.84 -16.10
CA HIS A 94 -11.58 7.66 -16.26
C HIS A 94 -11.31 9.14 -16.16
N GLY A 95 -10.07 9.57 -16.04
CA GLY A 95 -9.78 10.99 -15.94
C GLY A 95 -9.75 11.53 -14.53
N ASN A 96 -9.77 10.67 -13.52
CA ASN A 96 -9.69 11.07 -12.13
C ASN A 96 -9.02 9.93 -11.35
N SER A 97 -9.00 10.07 -10.03
CA SER A 97 -8.40 9.06 -9.15
C SER A 97 -9.39 8.50 -8.14
N SER A 98 -10.68 8.60 -8.45
CA SER A 98 -11.75 8.10 -7.60
C SER A 98 -11.90 6.58 -7.72
N ASN A 99 -12.13 5.94 -6.57
CA ASN A 99 -12.57 4.57 -6.48
C ASN A 99 -13.97 4.39 -7.07
N LEU A 100 -14.22 3.17 -7.53
CA LEU A 100 -15.45 2.79 -8.21
C LEU A 100 -15.87 1.43 -7.70
N PHE A 101 -17.09 1.34 -7.20
CA PHE A 101 -17.58 0.08 -6.69
C PHE A 101 -18.53 -0.61 -7.65
N THR A 102 -18.72 -0.04 -8.83
CA THR A 102 -19.55 -0.62 -9.88
C THR A 102 -18.86 -0.36 -11.21
N PRO A 103 -18.98 -1.26 -12.17
CA PRO A 103 -18.29 -1.03 -13.43
C PRO A 103 -18.80 0.23 -14.12
N LEU A 104 -17.89 0.91 -14.79
CA LEU A 104 -18.15 2.10 -15.55
C LEU A 104 -17.35 2.03 -16.84
N PRO A 105 -17.93 2.38 -18.00
CA PRO A 105 -17.14 2.37 -19.23
C PRO A 105 -16.03 3.42 -19.24
N ILE A 106 -14.88 3.06 -19.82
CA ILE A 106 -13.77 3.99 -20.07
C ILE A 106 -14.10 4.72 -21.37
N LYS A 107 -14.61 5.95 -21.27
CA LYS A 107 -15.03 6.71 -22.45
C LYS A 107 -13.92 6.72 -23.49
N ALA A 108 -12.67 6.94 -23.05
CA ALA A 108 -11.54 7.10 -23.96
C ALA A 108 -11.37 5.92 -24.92
N LEU A 109 -11.96 4.77 -24.61
CA LEU A 109 -11.77 3.57 -25.40
C LEU A 109 -13.03 3.13 -26.10
N HIS A 110 -14.11 3.91 -25.99
CA HIS A 110 -15.35 3.58 -26.67
C HIS A 110 -15.12 3.59 -28.19
N GLY A 111 -15.61 2.55 -28.86
CA GLY A 111 -15.44 2.46 -30.28
C GLY A 111 -14.14 1.83 -30.74
N ILE A 112 -13.19 1.60 -29.82
CA ILE A 112 -11.89 1.03 -30.18
C ILE A 112 -12.03 -0.47 -30.25
N ARG A 113 -11.45 -1.07 -31.29
CA ARG A 113 -11.47 -2.52 -31.47
C ARG A 113 -10.31 -3.11 -30.67
N ILE A 114 -10.63 -3.71 -29.51
CA ILE A 114 -9.63 -4.13 -28.53
C ILE A 114 -9.20 -5.56 -28.78
N LYS A 115 -7.90 -5.79 -28.73
CA LYS A 115 -7.33 -7.12 -28.82
C LYS A 115 -7.02 -7.72 -27.46
N GLN A 116 -6.62 -6.90 -26.49
CA GLN A 116 -6.09 -7.42 -25.24
C GLN A 116 -5.98 -6.30 -24.23
N ILE A 117 -6.17 -6.66 -22.95
CA ILE A 117 -5.87 -5.77 -21.86
C ILE A 117 -5.02 -6.48 -20.81
N ALA A 118 -4.07 -5.74 -20.23
CA ALA A 118 -3.20 -6.22 -19.17
C ALA A 118 -3.17 -5.19 -18.04
N CYS A 119 -3.24 -5.64 -16.79
CA CYS A 119 -3.11 -4.77 -15.63
C CYS A 119 -2.01 -5.26 -14.71
N GLY A 120 -1.27 -4.28 -14.15
CA GLY A 120 -0.29 -4.46 -13.10
C GLY A 120 -0.82 -4.02 -11.76
N ASP A 121 0.09 -3.54 -10.89
CA ASP A 121 -0.30 -2.97 -9.61
C ASP A 121 -1.22 -1.77 -9.80
N SER A 122 -0.81 -0.85 -10.69
CA SER A 122 -1.42 0.48 -10.79
C SER A 122 -1.48 1.00 -12.21
N HIS A 123 -1.20 0.19 -13.22
CA HIS A 123 -1.30 0.65 -14.60
C HIS A 123 -1.92 -0.44 -15.43
N CYS A 124 -2.39 -0.04 -16.62
CA CYS A 124 -3.01 -0.96 -17.58
C CYS A 124 -2.56 -0.57 -18.97
N LEU A 125 -2.81 -1.49 -19.89
CA LEU A 125 -2.48 -1.33 -21.30
C LEU A 125 -3.55 -2.04 -22.10
N ALA A 126 -3.94 -1.40 -23.19
CA ALA A 126 -4.81 -1.99 -24.18
C ALA A 126 -4.06 -2.12 -25.51
N VAL A 127 -4.15 -3.29 -26.12
CA VAL A 127 -3.73 -3.50 -27.50
C VAL A 127 -4.97 -3.43 -28.37
N THR A 128 -4.89 -2.68 -29.45
CA THR A 128 -6.01 -2.69 -30.40
C THR A 128 -5.79 -3.81 -31.42
N MET A 129 -6.87 -4.13 -32.15
CA MET A 129 -6.80 -5.20 -33.16
C MET A 129 -5.81 -4.86 -34.27
N GLU A 130 -5.43 -3.60 -34.38
CA GLU A 130 -4.50 -3.14 -35.41
C GLU A 130 -3.07 -3.05 -34.89
N GLY A 131 -2.81 -3.49 -33.66
CA GLY A 131 -1.47 -3.61 -33.13
C GLY A 131 -0.90 -2.37 -32.48
N GLU A 132 -1.73 -1.38 -32.20
CA GLU A 132 -1.26 -0.25 -31.40
C GLU A 132 -1.62 -0.49 -29.95
N VAL A 133 -1.01 0.29 -29.09
CA VAL A 133 -1.10 0.08 -27.65
C VAL A 133 -1.37 1.42 -26.99
N GLN A 134 -2.30 1.43 -26.05
CA GLN A 134 -2.51 2.58 -25.18
C GLN A 134 -2.33 2.15 -23.73
N SER A 135 -1.92 3.09 -22.90
CA SER A 135 -1.64 2.81 -21.51
C SER A 135 -2.13 3.96 -20.65
N TRP A 136 -2.36 3.64 -19.37
CA TRP A 136 -2.81 4.61 -18.39
C TRP A 136 -2.48 4.08 -17.01
N GLY A 137 -2.44 4.99 -16.05
CA GLY A 137 -2.19 4.67 -14.66
C GLY A 137 -0.86 5.20 -14.16
N ARG A 138 -0.34 4.52 -13.15
CA ARG A 138 0.89 4.95 -12.52
C ARG A 138 2.04 4.91 -13.52
N ASN A 139 2.91 5.91 -13.46
CA ASN A 139 3.98 6.01 -14.45
C ASN A 139 5.27 6.42 -13.77
N GLN A 140 5.37 6.21 -12.47
CA GLN A 140 6.51 6.71 -11.74
C GLN A 140 7.81 6.08 -12.19
N ASN A 141 7.80 4.82 -12.63
CA ASN A 141 9.03 4.21 -13.13
C ASN A 141 9.04 4.07 -14.63
N GLY A 142 8.16 4.80 -15.32
CA GLY A 142 8.06 4.73 -16.77
C GLY A 142 7.25 3.57 -17.33
N GLN A 143 6.45 2.90 -16.50
CA GLN A 143 5.79 1.68 -16.96
C GLN A 143 4.69 1.92 -17.99
N LEU A 144 4.25 3.16 -18.17
CA LEU A 144 3.30 3.42 -19.24
C LEU A 144 4.00 3.40 -20.60
N GLY A 145 5.33 3.52 -20.60
CA GLY A 145 6.10 3.50 -21.82
C GLY A 145 5.96 4.71 -22.70
N LEU A 146 5.63 5.88 -22.14
CA LEU A 146 5.25 7.04 -22.93
C LEU A 146 6.33 8.12 -23.00
N GLY A 147 7.40 8.04 -22.20
CA GLY A 147 8.51 8.96 -22.34
C GLY A 147 8.95 9.68 -21.06
N ASP A 148 8.19 9.59 -19.98
CA ASP A 148 8.50 10.35 -18.78
C ASP A 148 7.96 9.60 -17.57
N THR A 149 7.91 10.27 -16.44
CA THR A 149 7.38 9.66 -15.22
C THR A 149 6.09 10.31 -14.74
N GLU A 150 5.29 10.88 -15.65
CA GLU A 150 3.98 11.47 -15.32
C GLU A 150 2.87 10.44 -15.44
N ASP A 151 2.10 10.28 -14.37
CA ASP A 151 0.91 9.44 -14.40
C ASP A 151 -0.09 9.94 -15.43
N SER A 152 -0.86 8.99 -15.94
CA SER A 152 -1.93 9.27 -16.90
C SER A 152 -3.23 8.69 -16.38
N LEU A 153 -4.21 9.54 -16.17
CA LEU A 153 -5.54 9.13 -15.73
C LEU A 153 -6.41 8.74 -16.90
N VAL A 154 -5.96 8.94 -18.12
CA VAL A 154 -6.67 8.46 -19.29
C VAL A 154 -5.67 7.76 -20.18
N PRO A 155 -6.14 6.95 -21.11
CA PRO A 155 -5.21 6.26 -22.03
C PRO A 155 -4.46 7.22 -22.95
N GLN A 156 -3.16 6.96 -23.14
CA GLN A 156 -2.38 7.60 -24.19
C GLN A 156 -1.61 6.55 -24.98
N LYS A 157 -1.51 6.79 -26.28
CA LYS A 157 -0.84 5.89 -27.20
C LYS A 157 0.67 5.87 -26.99
N ILE A 158 1.24 4.67 -27.04
CA ILE A 158 2.70 4.52 -26.98
C ILE A 158 3.23 4.79 -28.39
N GLN A 159 3.84 5.98 -28.56
CA GLN A 159 4.32 6.37 -29.87
C GLN A 159 5.51 5.54 -30.32
N ALA A 160 6.34 5.07 -29.38
CA ALA A 160 7.51 4.28 -29.74
C ALA A 160 7.14 3.08 -30.60
N PHE A 161 5.90 2.59 -30.51
CA PHE A 161 5.47 1.46 -31.32
C PHE A 161 4.79 1.89 -32.62
N GLU A 162 4.81 3.17 -32.97
CA GLU A 162 4.37 3.59 -34.30
C GLU A 162 5.07 2.74 -35.35
N GLY A 163 4.28 2.08 -36.20
CA GLY A 163 4.84 1.25 -37.24
C GLY A 163 4.86 -0.22 -36.88
N ILE A 164 5.13 -0.54 -35.61
CA ILE A 164 5.21 -1.91 -35.13
C ILE A 164 3.85 -2.37 -34.62
N ARG A 165 3.42 -3.54 -35.09
CA ARG A 165 2.20 -4.19 -34.64
C ARG A 165 2.50 -5.07 -33.43
N ILE A 166 1.85 -4.76 -32.31
CA ILE A 166 2.05 -5.48 -31.06
C ILE A 166 1.08 -6.67 -31.00
N LYS A 167 1.61 -7.82 -30.60
CA LYS A 167 0.84 -9.04 -30.45
C LYS A 167 0.21 -9.13 -29.08
N MET A 168 1.02 -8.92 -28.03
CA MET A 168 0.62 -9.20 -26.67
C MET A 168 1.45 -8.33 -25.74
N VAL A 169 0.83 -7.84 -24.66
CA VAL A 169 1.50 -7.10 -23.61
C VAL A 169 1.25 -7.85 -22.31
N ALA A 170 2.13 -7.60 -21.35
CA ALA A 170 1.90 -8.01 -19.97
C ALA A 170 2.43 -6.92 -19.04
N ALA A 171 1.82 -6.85 -17.86
CA ALA A 171 2.08 -5.83 -16.88
C ALA A 171 2.40 -6.48 -15.54
N GLY A 172 3.53 -6.13 -14.95
CA GLY A 172 3.83 -6.48 -13.59
C GLY A 172 3.52 -5.36 -12.63
N ALA A 173 4.11 -5.44 -11.44
CA ALA A 173 3.91 -4.42 -10.43
C ALA A 173 4.14 -3.03 -11.01
N GLU A 174 5.32 -2.83 -11.58
CA GLU A 174 5.74 -1.51 -12.02
C GLU A 174 6.52 -1.60 -13.33
N HIS A 175 6.45 -2.73 -14.03
CA HIS A 175 7.08 -2.83 -15.34
C HIS A 175 6.12 -3.44 -16.34
N THR A 176 6.56 -3.46 -17.60
CA THR A 176 5.73 -3.87 -18.71
C THR A 176 6.59 -4.58 -19.72
N ALA A 177 5.98 -5.51 -20.42
CA ALA A 177 6.67 -6.28 -21.45
C ALA A 177 5.71 -6.48 -22.60
N ALA A 178 6.26 -6.67 -23.79
CA ALA A 178 5.42 -6.90 -24.95
C ALA A 178 6.18 -7.68 -26.03
N VAL A 179 5.40 -8.29 -26.91
CA VAL A 179 5.93 -8.99 -28.08
C VAL A 179 5.22 -8.46 -29.32
N THR A 180 6.00 -8.22 -30.37
CA THR A 180 5.42 -7.79 -31.64
C THR A 180 4.91 -8.99 -32.42
N GLU A 181 4.18 -8.70 -33.50
CA GLU A 181 3.74 -9.77 -34.40
C GLU A 181 4.92 -10.50 -35.02
N ASP A 182 6.05 -9.81 -35.19
CA ASP A 182 7.27 -10.38 -35.76
C ASP A 182 8.08 -11.19 -34.76
N GLY A 183 7.70 -11.20 -33.49
CA GLY A 183 8.40 -11.96 -32.48
C GLY A 183 9.44 -11.19 -31.68
N ASP A 184 9.64 -9.91 -31.94
CA ASP A 184 10.51 -9.11 -31.08
C ASP A 184 9.96 -9.01 -29.66
N LEU A 185 10.86 -8.89 -28.69
CA LEU A 185 10.52 -8.80 -27.28
C LEU A 185 10.97 -7.47 -26.70
N TYR A 186 10.09 -6.84 -25.92
CA TYR A 186 10.32 -5.51 -25.38
C TYR A 186 10.08 -5.47 -23.88
N GLY A 187 10.72 -4.50 -23.24
CA GLY A 187 10.60 -4.29 -21.82
C GLY A 187 10.73 -2.83 -21.44
N TRP A 188 9.90 -2.36 -20.50
CA TRP A 188 10.07 -1.02 -19.97
C TRP A 188 9.52 -0.92 -18.56
N GLY A 189 9.88 0.19 -17.90
CA GLY A 189 9.40 0.50 -16.56
C GLY A 189 10.45 0.26 -15.52
N TRP A 190 10.03 -0.18 -14.34
CA TRP A 190 10.97 -0.48 -13.27
C TRP A 190 11.86 -1.67 -13.65
N GLY A 191 13.17 -1.52 -13.49
CA GLY A 191 14.12 -2.56 -13.90
C GLY A 191 15.17 -2.95 -12.88
N ARG A 192 15.11 -2.44 -11.65
CA ARG A 192 16.13 -2.69 -10.64
C ARG A 192 16.54 -4.17 -10.62
N TYR A 193 15.59 -5.10 -10.84
CA TYR A 193 15.88 -6.51 -10.61
C TYR A 193 16.24 -7.29 -11.88
N GLY A 194 16.45 -6.62 -13.01
CA GLY A 194 16.78 -7.30 -14.24
C GLY A 194 15.60 -7.79 -15.02
N ASN A 195 14.40 -7.54 -14.51
CA ASN A 195 13.16 -8.06 -15.04
C ASN A 195 12.76 -7.46 -16.37
N LEU A 196 13.52 -6.51 -16.93
CA LEU A 196 13.18 -6.02 -18.27
C LEU A 196 13.89 -6.81 -19.37
N GLY A 197 14.96 -7.55 -19.03
CA GLY A 197 15.63 -8.40 -19.99
C GLY A 197 16.68 -7.70 -20.80
N LEU A 198 17.11 -6.53 -20.35
CA LEU A 198 17.91 -5.64 -21.17
C LEU A 198 19.40 -5.71 -20.87
N GLY A 199 19.80 -6.43 -19.81
CA GLY A 199 21.17 -6.49 -19.38
C GLY A 199 21.48 -5.68 -18.14
N ASP A 200 20.62 -4.76 -17.75
CA ASP A 200 21.00 -3.89 -16.66
C ASP A 200 19.90 -3.80 -15.63
N ARG A 201 20.11 -2.90 -14.67
CA ARG A 201 19.25 -2.70 -13.54
C ARG A 201 18.60 -1.32 -13.58
N THR A 202 18.58 -0.69 -14.75
CA THR A 202 18.06 0.66 -14.93
C THR A 202 16.68 0.68 -15.59
N ASP A 203 15.82 1.58 -15.10
CA ASP A 203 14.46 1.79 -15.60
C ASP A 203 14.51 2.25 -17.06
N ARG A 204 13.40 2.02 -17.77
CA ARG A 204 13.23 2.56 -19.12
C ARG A 204 11.86 3.21 -19.23
N LEU A 205 11.84 4.42 -19.76
CA LEU A 205 10.62 5.21 -19.94
C LEU A 205 9.93 4.95 -21.26
N VAL A 206 10.58 4.25 -22.18
CA VAL A 206 9.91 3.78 -23.39
C VAL A 206 10.33 2.35 -23.65
N PRO A 207 9.52 1.60 -24.39
CA PRO A 207 9.90 0.23 -24.72
C PRO A 207 11.30 0.19 -25.28
N GLU A 208 12.11 -0.76 -24.81
CA GLU A 208 13.38 -1.04 -25.43
C GLU A 208 13.43 -2.51 -25.82
N ARG A 209 14.05 -2.80 -26.96
CA ARG A 209 13.97 -4.15 -27.49
C ARG A 209 15.00 -5.05 -26.81
N VAL A 210 14.55 -6.25 -26.45
CA VAL A 210 15.42 -7.26 -25.86
C VAL A 210 16.15 -7.94 -27.02
N THR A 211 17.45 -7.72 -27.10
CA THR A 211 18.24 -8.26 -28.19
C THR A 211 18.69 -9.69 -27.91
N SER A 212 18.78 -10.06 -26.65
CA SER A 212 19.36 -11.34 -26.25
C SER A 212 18.23 -12.31 -25.90
N THR A 213 17.64 -12.92 -26.94
CA THR A 213 16.48 -13.79 -26.78
C THR A 213 16.79 -15.27 -27.09
N GLY A 214 18.05 -15.67 -26.99
CA GLY A 214 18.39 -17.05 -27.24
C GLY A 214 18.23 -17.47 -28.69
N GLY A 215 18.41 -16.53 -29.62
CA GLY A 215 18.18 -16.79 -31.03
C GLY A 215 16.74 -16.68 -31.49
N GLU A 216 15.75 -16.58 -30.59
CA GLU A 216 14.37 -16.92 -30.91
C GLU A 216 13.44 -15.70 -30.92
N LYS A 217 12.54 -15.69 -31.91
CA LYS A 217 11.27 -14.96 -31.87
C LYS A 217 10.42 -15.40 -30.68
N MET A 218 9.74 -14.43 -30.06
CA MET A 218 8.93 -14.68 -28.87
C MET A 218 7.45 -14.51 -29.15
N SER A 219 6.63 -15.36 -28.56
CA SER A 219 5.19 -15.30 -28.81
C SER A 219 4.37 -14.77 -27.63
N MET A 220 4.79 -14.95 -26.37
CA MET A 220 4.00 -14.41 -25.26
C MET A 220 4.88 -13.96 -24.11
N VAL A 221 4.25 -13.20 -23.21
CA VAL A 221 4.98 -12.57 -22.12
C VAL A 221 4.10 -12.57 -20.89
N ALA A 222 4.71 -12.55 -19.71
CA ALA A 222 3.97 -12.49 -18.47
C ALA A 222 4.86 -11.96 -17.36
N CYS A 223 4.25 -11.35 -16.34
CA CYS A 223 4.99 -10.49 -15.42
C CYS A 223 4.50 -10.64 -13.98
N GLY A 224 5.45 -10.73 -13.06
CA GLY A 224 5.14 -10.70 -11.65
C GLY A 224 5.62 -9.40 -11.02
N TRP A 225 5.89 -9.45 -9.71
CA TRP A 225 6.35 -8.27 -8.99
C TRP A 225 7.73 -7.85 -9.47
N ARG A 226 8.68 -8.79 -9.47
CA ARG A 226 10.07 -8.55 -9.87
C ARG A 226 10.59 -9.59 -10.87
N HIS A 227 9.73 -10.30 -11.58
CA HIS A 227 10.21 -11.22 -12.60
C HIS A 227 9.32 -11.16 -13.83
N THR A 228 9.87 -11.71 -14.91
CA THR A 228 9.22 -11.77 -16.23
C THR A 228 9.41 -13.16 -16.82
N ILE A 229 8.39 -13.60 -17.55
CA ILE A 229 8.41 -14.87 -18.25
C ILE A 229 8.10 -14.60 -19.71
N SER A 230 8.80 -15.31 -20.60
CA SER A 230 8.54 -15.22 -22.02
C SER A 230 8.62 -16.62 -22.60
N VAL A 231 7.84 -16.83 -23.66
CA VAL A 231 7.76 -18.08 -24.42
C VAL A 231 8.07 -17.76 -25.87
N SER A 232 8.74 -18.72 -26.53
CA SER A 232 9.18 -18.59 -27.92
C SER A 232 8.27 -19.38 -28.84
N TYR A 233 8.42 -19.12 -30.14
CA TYR A 233 7.65 -19.88 -31.13
C TYR A 233 7.89 -21.39 -31.05
N SER A 234 9.01 -21.85 -30.49
CA SER A 234 9.24 -23.28 -30.35
C SER A 234 8.66 -23.87 -29.07
N GLY A 235 8.03 -23.04 -28.22
CA GLY A 235 7.55 -23.51 -26.95
C GLY A 235 8.54 -23.44 -25.81
N ALA A 236 9.75 -22.96 -26.06
CA ALA A 236 10.72 -22.84 -24.97
C ALA A 236 10.36 -21.68 -24.05
N LEU A 237 10.64 -21.87 -22.76
CA LEU A 237 10.34 -20.91 -21.72
C LEU A 237 11.62 -20.23 -21.23
N TYR A 238 11.50 -18.94 -20.97
CA TYR A 238 12.56 -18.04 -20.55
C TYR A 238 12.06 -17.20 -19.39
N THR A 239 12.89 -17.10 -18.37
CA THR A 239 12.58 -16.24 -17.24
C THR A 239 13.74 -15.27 -16.98
N TYR A 240 13.39 -14.13 -16.36
CA TYR A 240 14.40 -13.18 -15.99
C TYR A 240 13.90 -12.29 -14.87
N GLY A 241 14.85 -11.81 -14.06
CA GLY A 241 14.56 -10.93 -12.96
C GLY A 241 15.07 -11.51 -11.67
N TRP A 242 14.26 -11.39 -10.65
CA TRP A 242 14.59 -11.79 -9.29
C TRP A 242 14.21 -13.25 -9.11
N SER A 243 15.11 -14.06 -8.51
CA SER A 243 14.80 -15.43 -8.13
C SER A 243 15.05 -15.73 -6.65
N LYS A 244 14.94 -14.73 -5.76
CA LYS A 244 15.20 -15.00 -4.35
C LYS A 244 14.27 -16.09 -3.81
N TYR A 245 13.10 -16.28 -4.40
CA TYR A 245 12.14 -17.32 -3.98
C TYR A 245 12.04 -18.46 -5.01
N GLY A 246 12.95 -18.52 -5.97
CA GLY A 246 12.93 -19.58 -6.97
C GLY A 246 12.01 -19.33 -8.14
N GLN A 247 11.44 -18.13 -8.24
CA GLN A 247 10.41 -17.83 -9.21
C GLN A 247 10.94 -17.82 -10.63
N LEU A 248 12.27 -17.86 -10.83
CA LEU A 248 12.75 -18.02 -12.19
C LEU A 248 12.83 -19.48 -12.61
N GLY A 249 12.79 -20.41 -11.66
CA GLY A 249 12.59 -21.80 -11.98
C GLY A 249 13.81 -22.58 -12.48
N HIS A 250 15.02 -22.10 -12.31
CA HIS A 250 16.16 -22.73 -12.98
C HIS A 250 16.89 -23.74 -12.11
N GLY A 251 16.28 -24.16 -11.01
CA GLY A 251 16.97 -25.04 -10.09
C GLY A 251 18.00 -24.34 -9.27
N ASP A 252 18.00 -23.01 -9.26
CA ASP A 252 18.83 -22.22 -8.34
C ASP A 252 18.05 -20.97 -7.93
N LEU A 253 18.75 -20.06 -7.23
CA LEU A 253 18.18 -18.78 -6.80
C LEU A 253 18.94 -17.61 -7.42
N GLU A 254 19.54 -17.81 -8.60
CA GLU A 254 20.27 -16.77 -9.32
C GLU A 254 19.32 -15.79 -9.99
N ASP A 255 19.65 -14.50 -9.92
CA ASP A 255 18.95 -13.49 -10.66
C ASP A 255 19.49 -13.51 -12.09
N HIS A 256 18.67 -13.08 -13.04
CA HIS A 256 19.07 -12.97 -14.43
C HIS A 256 18.62 -11.62 -14.98
N LEU A 257 19.51 -10.94 -15.69
CA LEU A 257 19.23 -9.63 -16.28
C LEU A 257 18.88 -9.71 -17.75
N ILE A 258 18.98 -10.91 -18.34
CA ILE A 258 18.55 -11.17 -19.72
C ILE A 258 17.73 -12.46 -19.67
N PRO A 259 16.90 -12.70 -20.67
CA PRO A 259 16.10 -13.93 -20.64
C PRO A 259 16.99 -15.16 -20.57
N HIS A 260 16.53 -16.14 -19.81
CA HIS A 260 17.30 -17.34 -19.55
C HIS A 260 16.42 -18.57 -19.68
N LYS A 261 16.78 -19.44 -20.62
CA LYS A 261 15.93 -20.56 -20.98
C LYS A 261 15.77 -21.53 -19.82
N LEU A 262 14.54 -21.97 -19.59
CA LEU A 262 14.31 -22.93 -18.52
C LEU A 262 14.48 -24.32 -19.14
N GLU A 263 15.62 -24.96 -18.87
CA GLU A 263 16.00 -26.15 -19.62
C GLU A 263 15.18 -27.38 -19.22
N ALA A 264 14.86 -27.52 -17.93
CA ALA A 264 14.02 -28.62 -17.44
C ALA A 264 12.67 -28.76 -18.16
N LEU A 265 12.22 -27.70 -18.84
CA LEU A 265 10.96 -27.73 -19.60
C LEU A 265 11.22 -27.76 -21.11
N SER A 266 12.49 -27.76 -21.51
CA SER A 266 12.85 -27.68 -22.92
C SER A 266 12.28 -28.84 -23.72
N ASN A 267 11.84 -29.93 -23.05
CA ASN A 267 11.12 -31.03 -23.70
C ASN A 267 9.64 -30.75 -23.95
N SER A 268 9.06 -29.74 -23.30
CA SER A 268 7.64 -29.47 -23.36
C SER A 268 7.34 -28.19 -24.13
N PHE A 269 6.13 -28.07 -24.64
CA PHE A 269 5.71 -26.91 -25.41
C PHE A 269 4.80 -26.12 -24.48
N ILE A 270 5.26 -24.94 -24.08
CA ILE A 270 4.48 -24.06 -23.23
C ILE A 270 3.51 -23.28 -24.09
N SER A 271 2.24 -23.36 -23.77
CA SER A 271 1.25 -22.57 -24.49
C SER A 271 0.59 -21.49 -23.63
N GLN A 272 0.88 -21.40 -22.33
CA GLN A 272 0.33 -20.31 -21.52
C GLN A 272 1.15 -20.13 -20.25
N ILE A 273 1.50 -18.88 -19.93
CA ILE A 273 2.29 -18.55 -18.76
C ILE A 273 1.52 -17.54 -17.90
N SER A 274 1.72 -17.59 -16.59
CA SER A 274 1.19 -16.55 -15.71
C SER A 274 2.21 -16.28 -14.61
N GLY A 275 2.23 -15.04 -14.14
CA GLY A 275 3.18 -14.58 -13.14
C GLY A 275 2.42 -14.08 -11.94
N GLY A 276 2.64 -14.67 -10.78
CA GLY A 276 2.17 -14.11 -9.53
C GLY A 276 3.24 -13.23 -8.95
N ALA A 277 3.04 -12.87 -7.68
CA ALA A 277 3.95 -11.92 -7.05
C ALA A 277 5.36 -12.48 -7.03
N ARG A 278 5.49 -13.66 -6.48
CA ARG A 278 6.78 -14.30 -6.40
C ARG A 278 6.71 -15.78 -6.77
N HIS A 279 5.70 -16.19 -7.57
CA HIS A 279 5.66 -17.51 -8.15
C HIS A 279 5.30 -17.42 -9.62
N THR A 280 5.36 -18.60 -10.28
CA THR A 280 5.20 -18.71 -11.71
C THR A 280 4.41 -19.98 -12.07
N MET A 281 3.56 -19.86 -13.11
CA MET A 281 2.80 -20.99 -13.66
C MET A 281 3.05 -21.11 -15.16
N ALA A 282 3.29 -22.35 -15.62
CA ALA A 282 3.48 -22.65 -17.04
C ALA A 282 2.60 -23.85 -17.44
N LEU A 283 1.74 -23.65 -18.43
CA LEU A 283 0.83 -24.68 -18.94
C LEU A 283 1.37 -25.22 -20.25
N THR A 284 1.57 -26.54 -20.31
CA THR A 284 2.04 -27.14 -21.56
C THR A 284 0.87 -27.37 -22.52
N SER A 285 1.22 -27.48 -23.79
CA SER A 285 0.27 -27.81 -24.84
C SER A 285 -0.50 -29.09 -24.55
N ASP A 286 -0.02 -29.95 -23.65
CA ASP A 286 -0.71 -31.21 -23.39
C ASP A 286 -1.44 -31.20 -22.04
N GLY A 287 -1.66 -30.03 -21.47
CA GLY A 287 -2.54 -29.89 -20.33
C GLY A 287 -1.87 -30.11 -19.00
N LYS A 288 -0.54 -30.13 -18.96
CA LYS A 288 0.17 -30.24 -17.70
C LYS A 288 0.54 -28.85 -17.18
N LEU A 289 0.28 -28.64 -15.90
CA LEU A 289 0.52 -27.37 -15.23
C LEU A 289 1.73 -27.47 -14.32
N TYR A 290 2.76 -26.66 -14.58
CA TYR A 290 3.95 -26.63 -13.73
C TYR A 290 4.00 -25.35 -12.93
N GLY A 291 4.21 -25.50 -11.61
CA GLY A 291 4.32 -24.39 -10.68
C GLY A 291 5.74 -24.25 -10.16
N TRP A 292 6.10 -23.06 -9.69
CA TRP A 292 7.34 -22.88 -8.94
C TRP A 292 7.37 -21.47 -8.33
N GLY A 293 8.32 -21.28 -7.41
CA GLY A 293 8.54 -20.04 -6.72
C GLY A 293 8.09 -20.08 -5.27
N TRP A 294 7.61 -18.93 -4.80
CA TRP A 294 7.25 -18.77 -3.39
C TRP A 294 6.03 -19.63 -3.09
N ASN A 295 6.01 -20.25 -1.91
CA ASN A 295 5.01 -21.28 -1.62
C ASN A 295 4.56 -21.20 -0.17
N LYS A 296 4.88 -20.12 0.51
CA LYS A 296 4.53 -19.99 1.92
C LYS A 296 3.03 -20.18 2.18
N PHE A 297 2.16 -19.79 1.23
CA PHE A 297 0.71 -19.91 1.41
C PHE A 297 0.12 -21.09 0.64
N GLY A 298 0.96 -21.89 0.01
CA GLY A 298 0.51 -23.03 -0.76
C GLY A 298 0.38 -22.73 -2.22
N GLN A 299 0.80 -21.55 -2.66
CA GLN A 299 0.37 -21.05 -3.96
C GLN A 299 0.95 -21.84 -5.14
N VAL A 300 2.02 -22.61 -4.92
CA VAL A 300 2.57 -23.38 -6.03
C VAL A 300 1.69 -24.60 -6.31
N GLY A 301 0.89 -25.04 -5.33
CA GLY A 301 -0.08 -26.11 -5.51
C GLY A 301 0.48 -27.51 -5.46
N VAL A 302 1.63 -27.72 -4.81
CA VAL A 302 2.28 -29.02 -4.80
C VAL A 302 2.15 -29.72 -3.44
N GLY A 303 1.23 -29.27 -2.58
CA GLY A 303 0.93 -29.99 -1.37
C GLY A 303 1.79 -29.75 -0.16
N ASN A 304 2.71 -28.78 -0.21
CA ASN A 304 3.46 -28.38 0.96
C ASN A 304 3.58 -26.87 0.91
N ASN A 305 4.30 -26.32 1.86
CA ASN A 305 4.46 -24.88 1.96
C ASN A 305 5.93 -24.52 1.93
N LEU A 306 6.69 -25.28 1.13
CA LEU A 306 8.11 -25.06 0.90
C LEU A 306 8.27 -24.47 -0.50
N ASP A 307 9.18 -23.51 -0.61
CA ASP A 307 9.44 -22.85 -1.88
C ASP A 307 10.06 -23.83 -2.88
N GLN A 308 9.99 -23.50 -4.16
CA GLN A 308 10.35 -24.43 -5.22
C GLN A 308 11.21 -23.72 -6.27
N CME A 309 12.48 -24.12 -6.43
CA CME A 309 13.30 -23.39 -7.38
CB CME A 309 14.72 -23.18 -6.88
SG CME A 309 15.51 -24.64 -6.34
SD CME A 309 17.15 -23.91 -5.22
CE CME A 309 16.52 -23.40 -3.65
CZ CME A 309 16.85 -24.35 -2.51
OH CME A 309 18.26 -24.32 -2.35
C CME A 309 13.30 -24.08 -8.75
O CME A 309 13.86 -23.62 -9.76
HA CME A 309 12.82 -22.37 -7.50
HB2 CME A 309 14.72 -22.41 -6.07
HB3 CME A 309 15.38 -22.82 -7.71
HE2 CME A 309 15.41 -23.36 -3.80
HE3 CME A 309 16.85 -22.36 -3.37
HZ2 CME A 309 16.50 -25.39 -2.76
HZ3 CME A 309 16.35 -24.02 -1.56
HH CME A 309 18.53 -25.24 -2.17
N SER A 310 12.58 -25.20 -8.80
CA SER A 310 12.40 -25.92 -10.07
C SER A 310 10.93 -26.21 -10.35
N PRO A 311 10.56 -26.24 -11.62
CA PRO A 311 9.16 -26.54 -11.97
C PRO A 311 8.72 -27.89 -11.43
N VAL A 312 7.56 -27.87 -10.76
CA VAL A 312 6.88 -29.06 -10.24
C VAL A 312 5.47 -29.08 -10.79
N GLN A 313 5.00 -30.28 -11.16
CA GLN A 313 3.67 -30.43 -11.73
C GLN A 313 2.60 -30.38 -10.65
N VAL A 314 1.57 -29.57 -10.90
CA VAL A 314 0.43 -29.45 -9.99
C VAL A 314 -0.57 -30.56 -10.35
N ARG A 315 -0.94 -31.37 -9.37
CA ARG A 315 -1.75 -32.56 -9.65
C ARG A 315 -3.23 -32.30 -9.43
N PHE A 316 -4.04 -32.80 -10.36
CA PHE A 316 -5.48 -32.65 -10.29
C PHE A 316 -6.16 -34.01 -10.27
N PRO A 317 -7.37 -34.10 -9.73
CA PRO A 317 -8.07 -35.40 -9.65
C PRO A 317 -8.16 -36.09 -11.01
N ASP A 318 -7.86 -37.40 -11.00
CA ASP A 318 -7.83 -38.27 -12.19
C ASP A 318 -6.99 -37.69 -13.32
N ASP A 319 -6.04 -36.83 -12.95
CA ASP A 319 -5.11 -36.18 -13.89
C ASP A 319 -5.80 -35.43 -15.03
N GLN A 320 -7.05 -34.98 -14.82
CA GLN A 320 -7.71 -34.13 -15.80
C GLN A 320 -6.81 -32.96 -16.17
N LYS A 321 -6.87 -32.57 -17.45
CA LYS A 321 -5.92 -31.62 -18.01
C LYS A 321 -6.38 -30.18 -17.75
N VAL A 322 -5.40 -29.31 -17.54
CA VAL A 322 -5.66 -27.89 -17.31
C VAL A 322 -5.72 -27.18 -18.65
N VAL A 323 -6.72 -26.33 -18.84
CA VAL A 323 -6.87 -25.55 -20.08
C VAL A 323 -6.55 -24.07 -19.90
N GLN A 324 -6.42 -23.58 -18.67
CA GLN A 324 -6.21 -22.17 -18.40
C GLN A 324 -5.72 -22.00 -16.98
N VAL A 325 -4.79 -21.07 -16.79
CA VAL A 325 -4.23 -20.77 -15.48
C VAL A 325 -4.08 -19.25 -15.32
N SER A 326 -4.25 -18.76 -14.09
CA SER A 326 -4.03 -17.36 -13.76
C SER A 326 -3.52 -17.26 -12.32
N CYS A 327 -2.46 -16.50 -12.12
CA CYS A 327 -1.90 -16.25 -10.80
C CYS A 327 -2.36 -14.89 -10.27
N GLY A 328 -2.81 -14.87 -9.02
CA GLY A 328 -2.85 -13.63 -8.27
C GLY A 328 -1.55 -13.42 -7.53
N TRP A 329 -1.55 -12.42 -6.64
CA TRP A 329 -0.31 -12.16 -5.92
C TRP A 329 0.18 -13.41 -5.23
N ARG A 330 -0.72 -14.03 -4.46
CA ARG A 330 -0.39 -15.08 -3.53
C ARG A 330 -1.31 -16.30 -3.68
N HIS A 331 -2.03 -16.42 -4.79
CA HIS A 331 -2.90 -17.57 -5.04
C HIS A 331 -2.95 -17.86 -6.53
N THR A 332 -3.49 -19.01 -6.89
CA THR A 332 -3.52 -19.48 -8.26
C THR A 332 -4.90 -20.04 -8.57
N LEU A 333 -5.31 -19.83 -9.82
CA LEU A 333 -6.59 -20.32 -10.30
C LEU A 333 -6.38 -21.08 -11.58
N ALA A 334 -7.13 -22.17 -11.78
CA ALA A 334 -7.04 -22.96 -13.01
C ALA A 334 -8.38 -23.56 -13.43
N VAL A 335 -8.62 -23.57 -14.73
CA VAL A 335 -9.76 -24.26 -15.32
C VAL A 335 -9.25 -25.54 -15.95
N THR A 336 -9.96 -26.65 -15.75
CA THR A 336 -9.62 -27.93 -16.37
C THR A 336 -10.54 -28.26 -17.57
N GLU A 337 -10.12 -29.27 -18.34
CA GLU A 337 -10.88 -29.73 -19.51
C GLU A 337 -12.26 -30.28 -19.11
N ARG A 338 -12.37 -30.88 -17.93
CA ARG A 338 -13.64 -31.37 -17.40
C ARG A 338 -14.49 -30.19 -16.90
N ASN A 339 -14.26 -28.99 -17.47
CA ASN A 339 -14.89 -27.74 -17.06
C ASN A 339 -15.02 -27.61 -15.55
N ASN A 340 -13.99 -27.99 -14.82
CA ASN A 340 -13.84 -27.64 -13.41
C ASN A 340 -12.94 -26.42 -13.26
N VAL A 341 -13.10 -25.74 -12.13
CA VAL A 341 -12.27 -24.62 -11.71
C VAL A 341 -11.65 -24.97 -10.37
N PHE A 342 -10.34 -24.83 -10.27
CA PHE A 342 -9.59 -25.09 -9.05
C PHE A 342 -8.88 -23.82 -8.57
N ALA A 343 -8.63 -23.75 -7.25
CA ALA A 343 -7.95 -22.63 -6.61
C ALA A 343 -7.03 -23.14 -5.50
N TRP A 344 -5.97 -22.40 -5.23
CA TRP A 344 -5.07 -22.73 -4.13
C TRP A 344 -4.17 -21.54 -3.84
N GLY A 345 -3.51 -21.59 -2.69
CA GLY A 345 -2.68 -20.52 -2.19
C GLY A 345 -3.37 -19.85 -1.03
N ARG A 346 -3.08 -18.55 -0.88
CA ARG A 346 -3.69 -17.76 0.18
C ARG A 346 -5.20 -17.60 -0.05
N GLY A 347 -5.99 -17.82 1.00
CA GLY A 347 -7.43 -17.72 0.94
C GLY A 347 -8.01 -16.86 2.05
N THR A 348 -7.16 -16.13 2.76
CA THR A 348 -7.59 -15.42 3.96
C THR A 348 -8.56 -14.26 3.66
N ASN A 349 -8.66 -13.83 2.40
CA ASN A 349 -9.57 -12.79 1.98
C ASN A 349 -10.72 -13.34 1.15
N GLY A 350 -10.86 -14.66 1.03
CA GLY A 350 -11.88 -15.25 0.19
C GLY A 350 -11.51 -15.41 -1.27
N GLN A 351 -10.27 -15.10 -1.64
CA GLN A 351 -9.88 -15.11 -3.04
C GLN A 351 -9.90 -16.50 -3.64
N LEU A 352 -9.90 -17.53 -2.82
CA LEU A 352 -10.03 -18.90 -3.35
C LEU A 352 -11.46 -19.25 -3.76
N GLY A 353 -12.47 -18.57 -3.22
CA GLY A 353 -13.83 -18.79 -3.69
C GLY A 353 -14.43 -20.11 -3.24
N ILE A 354 -14.00 -20.65 -2.09
CA ILE A 354 -14.39 -21.97 -1.58
C ILE A 354 -15.24 -21.83 -0.32
N GLY A 355 -15.73 -20.63 -0.01
CA GLY A 355 -16.58 -20.42 1.14
C GLY A 355 -15.84 -20.08 2.42
N GLU A 356 -15.12 -21.05 2.95
CA GLU A 356 -14.28 -20.83 4.12
C GLU A 356 -12.96 -20.21 3.66
N SER A 357 -12.55 -19.15 4.34
CA SER A 357 -11.35 -18.42 3.96
C SER A 357 -10.13 -18.97 4.70
N VAL A 358 -9.49 -19.97 4.08
CA VAL A 358 -8.29 -20.61 4.60
C VAL A 358 -7.35 -20.87 3.43
N ASP A 359 -6.05 -20.98 3.74
CA ASP A 359 -5.07 -21.26 2.71
C ASP A 359 -5.10 -22.74 2.35
N ARG A 360 -4.85 -23.03 1.09
CA ARG A 360 -4.82 -24.37 0.56
C ARG A 360 -3.52 -24.50 -0.17
N ASN A 361 -2.82 -25.62 0.03
CA ASN A 361 -1.56 -25.84 -0.66
C ASN A 361 -1.63 -26.93 -1.72
N PHE A 362 -2.83 -27.28 -2.20
CA PHE A 362 -2.96 -28.04 -3.43
C PHE A 362 -4.34 -27.78 -3.99
N PRO A 363 -4.52 -27.94 -5.30
CA PRO A 363 -5.77 -27.51 -5.94
C PRO A 363 -7.01 -28.02 -5.23
N LYS A 364 -7.96 -27.11 -4.99
CA LYS A 364 -9.24 -27.42 -4.36
C LYS A 364 -10.35 -26.84 -5.22
N ILE A 365 -11.37 -27.66 -5.49
CA ILE A 365 -12.36 -27.34 -6.51
C ILE A 365 -13.22 -26.20 -6.01
N ILE A 366 -13.65 -25.34 -6.93
CA ILE A 366 -14.61 -24.30 -6.60
C ILE A 366 -16.01 -24.80 -6.99
N GLU A 367 -16.83 -25.14 -5.98
CA GLU A 367 -18.08 -25.85 -6.25
C GLU A 367 -19.07 -24.97 -7.01
N ALA A 368 -19.13 -23.68 -6.69
CA ALA A 368 -20.05 -22.76 -7.36
C ALA A 368 -19.84 -22.66 -8.86
N LEU A 369 -18.73 -23.19 -9.41
CA LEU A 369 -18.39 -22.99 -10.82
C LEU A 369 -17.96 -24.27 -11.51
N SER A 370 -17.99 -25.41 -10.83
CA SER A 370 -17.42 -26.63 -11.36
C SER A 370 -18.50 -27.69 -11.50
N VAL A 371 -18.35 -28.49 -12.56
CA VAL A 371 -19.21 -29.65 -12.81
C VAL A 371 -19.15 -30.63 -11.65
N ASP A 372 -17.94 -31.04 -11.25
CA ASP A 372 -17.74 -32.01 -10.18
C ASP A 372 -17.85 -31.28 -8.83
N GLY A 373 -17.54 -32.00 -7.75
CA GLY A 373 -17.63 -31.48 -6.40
C GLY A 373 -16.85 -32.38 -5.43
N ARG B 7 -4.89 -10.60 8.06
CA ARG B 7 -5.53 -9.41 7.47
C ARG B 7 -4.53 -8.28 7.32
N LYS B 8 -4.89 -7.32 6.46
CA LYS B 8 -3.99 -6.28 6.00
C LYS B 8 -4.04 -5.03 6.87
N VAL B 9 -2.86 -4.54 7.26
CA VAL B 9 -2.74 -3.32 8.05
C VAL B 9 -3.05 -2.10 7.18
N LEU B 10 -3.93 -1.22 7.67
CA LEU B 10 -4.34 0.00 6.98
C LEU B 10 -3.69 1.28 7.55
N ILE B 11 -3.63 1.39 8.86
CA ILE B 11 -3.17 2.57 9.58
C ILE B 11 -2.31 2.03 10.70
N ILE B 12 -1.18 2.69 10.96
CA ILE B 12 -0.32 2.40 12.09
C ILE B 12 -0.14 3.72 12.82
N SER B 13 -0.06 3.66 14.14
CA SER B 13 0.25 4.80 14.98
C SER B 13 1.07 4.33 16.18
N ALA B 14 1.97 5.18 16.62
CA ALA B 14 2.89 4.89 17.72
C ALA B 14 2.79 5.95 18.79
N GLY B 15 2.76 5.53 20.04
CA GLY B 15 2.71 6.41 21.17
C GLY B 15 4.05 6.54 21.87
N ALA B 16 3.99 6.75 23.17
CA ALA B 16 5.26 6.89 23.87
C ALA B 16 5.88 5.52 24.04
N SER B 17 5.06 4.58 24.50
CA SER B 17 5.47 3.22 24.76
C SER B 17 4.44 2.19 24.23
N HIS B 18 3.52 2.58 23.34
CA HIS B 18 2.56 1.61 22.79
C HIS B 18 2.37 1.82 21.30
N SER B 19 1.67 0.88 20.68
CA SER B 19 1.47 0.86 19.24
C SER B 19 0.06 0.38 18.92
N VAL B 20 -0.54 0.97 17.89
CA VAL B 20 -1.91 0.64 17.49
C VAL B 20 -1.98 0.54 15.97
N ALA B 21 -2.85 -0.34 15.47
CA ALA B 21 -3.05 -0.49 14.04
C ALA B 21 -4.52 -0.72 13.72
N LEU B 22 -5.00 -0.07 12.67
CA LEU B 22 -6.27 -0.48 12.07
C LEU B 22 -6.00 -1.52 10.98
N LEU B 23 -6.79 -2.59 10.97
CA LEU B 23 -6.66 -3.62 9.94
C LEU B 23 -7.94 -3.68 9.12
N SER B 24 -7.79 -4.16 7.88
CA SER B 24 -8.95 -4.37 7.03
C SER B 24 -9.91 -5.37 7.68
N GLY B 25 -11.17 -5.27 7.30
CA GLY B 25 -12.18 -6.01 8.03
C GLY B 25 -12.48 -5.40 9.37
N ASP B 26 -12.32 -4.08 9.50
CA ASP B 26 -12.80 -3.33 10.65
C ASP B 26 -12.31 -3.92 11.99
N ILE B 27 -10.99 -3.94 12.16
CA ILE B 27 -10.36 -4.58 13.32
C ILE B 27 -9.27 -3.64 13.81
N VAL B 28 -9.31 -3.26 15.10
CA VAL B 28 -8.26 -2.48 15.75
C VAL B 28 -7.44 -3.43 16.61
N CYS B 29 -6.10 -3.34 16.51
CA CYS B 29 -5.15 -4.10 17.31
CA CYS B 29 -5.24 -4.08 17.42
C CYS B 29 -4.22 -3.11 18.02
N SER B 30 -3.68 -3.52 19.16
CA SER B 30 -2.81 -2.66 19.92
C SER B 30 -1.86 -3.55 20.72
N TRP B 31 -0.72 -2.94 21.10
CA TRP B 31 0.37 -3.68 21.73
C TRP B 31 1.33 -2.69 22.36
N GLY B 32 2.13 -3.22 23.28
CA GLY B 32 3.08 -2.44 24.02
C GLY B 32 2.64 -2.17 25.44
N ARG B 33 2.89 -0.98 25.95
CA ARG B 33 2.53 -0.65 27.33
C ARG B 33 1.02 -0.57 27.48
N GLY B 34 0.48 -1.30 28.46
CA GLY B 34 -0.96 -1.28 28.69
C GLY B 34 -1.37 -0.78 30.05
N GLU B 35 -0.37 -0.40 30.84
CA GLU B 35 -0.54 -0.13 32.27
C GLU B 35 -1.52 1.01 32.54
N ASP B 36 -1.66 1.96 31.61
CA ASP B 36 -2.54 3.10 31.82
C ASP B 36 -3.81 3.01 30.99
N GLY B 37 -4.12 1.82 30.48
CA GLY B 37 -5.28 1.61 29.63
C GLY B 37 -5.10 1.98 28.18
N GLN B 38 -3.89 2.37 27.75
CA GLN B 38 -3.76 2.90 26.40
C GLN B 38 -3.97 1.83 25.32
N LEU B 39 -3.88 0.53 25.66
CA LEU B 39 -4.19 -0.52 24.70
C LEU B 39 -5.68 -0.85 24.57
N GLY B 40 -6.50 -0.52 25.56
CA GLY B 40 -7.95 -0.59 25.40
C GLY B 40 -8.57 -1.96 25.53
N HIS B 41 -7.91 -2.91 26.20
CA HIS B 41 -8.44 -4.25 26.33
C HIS B 41 -9.19 -4.47 27.64
N GLY B 42 -9.52 -3.43 28.38
CA GLY B 42 -10.11 -3.60 29.70
C GLY B 42 -9.12 -3.82 30.83
N ASP B 43 -8.01 -4.49 30.56
CA ASP B 43 -7.02 -4.74 31.58
C ASP B 43 -5.86 -3.75 31.45
N ALA B 44 -4.73 -4.06 32.10
CA ALA B 44 -3.62 -3.12 32.19
C ALA B 44 -2.29 -3.79 31.93
N GLU B 45 -2.29 -4.89 31.19
CA GLU B 45 -1.08 -5.68 30.97
C GLU B 45 -0.40 -5.28 29.68
N ASP B 46 0.93 -5.21 29.72
CA ASP B 46 1.72 -5.06 28.51
C ASP B 46 1.42 -6.22 27.55
N ARG B 47 1.41 -5.93 26.25
CA ARG B 47 1.08 -6.92 25.22
C ARG B 47 2.23 -6.99 24.23
N PRO B 48 3.20 -7.89 24.42
CA PRO B 48 4.35 -7.91 23.51
C PRO B 48 4.02 -8.29 22.06
N SER B 49 2.78 -8.70 21.76
CA SER B 49 2.36 -8.94 20.39
C SER B 49 1.01 -8.28 20.11
N PRO B 50 0.74 -7.95 18.83
CA PRO B 50 -0.51 -7.27 18.51
C PRO B 50 -1.74 -8.06 18.93
N THR B 51 -2.68 -7.34 19.52
CA THR B 51 -3.82 -7.92 20.24
C THR B 51 -5.07 -7.21 19.78
N GLN B 52 -5.97 -7.96 19.14
CA GLN B 52 -7.24 -7.43 18.71
C GLN B 52 -7.96 -6.74 19.88
N LEU B 53 -8.50 -5.56 19.62
CA LEU B 53 -9.16 -4.76 20.64
C LEU B 53 -10.66 -4.99 20.43
N SER B 54 -11.17 -6.00 21.12
CA SER B 54 -12.48 -6.55 20.80
C SER B 54 -13.58 -5.50 20.86
N ALA B 55 -13.40 -4.47 21.68
CA ALA B 55 -14.47 -3.51 21.95
C ALA B 55 -14.89 -2.71 20.72
N LEU B 56 -13.98 -2.51 19.77
CA LEU B 56 -14.27 -1.77 18.53
C LEU B 56 -14.57 -2.69 17.37
N ASP B 57 -14.63 -4.01 17.61
CA ASP B 57 -15.12 -4.92 16.58
C ASP B 57 -16.45 -4.44 16.04
N GLY B 58 -16.51 -4.31 14.71
CA GLY B 58 -17.74 -3.93 14.07
C GLY B 58 -18.16 -2.48 14.27
N HIS B 59 -17.25 -1.61 14.69
CA HIS B 59 -17.57 -0.20 14.89
C HIS B 59 -17.20 0.67 13.69
N GLN B 60 -16.74 0.05 12.60
CA GLN B 60 -16.44 0.72 11.32
C GLN B 60 -15.45 1.88 11.49
N ILE B 61 -14.39 1.57 12.24
CA ILE B 61 -13.29 2.50 12.50
C ILE B 61 -12.52 2.75 11.21
N VAL B 62 -12.23 4.01 10.95
CA VAL B 62 -11.48 4.39 9.76
C VAL B 62 -10.07 4.91 10.05
N SER B 63 -9.77 5.39 11.27
CA SER B 63 -8.41 5.79 11.62
C SER B 63 -8.16 5.54 13.10
N VAL B 64 -6.87 5.39 13.44
CA VAL B 64 -6.38 5.37 14.82
C VAL B 64 -5.25 6.37 14.91
N THR B 65 -5.11 6.97 16.09
CA THR B 65 -4.09 7.98 16.36
C THR B 65 -3.66 7.81 17.80
N CYS B 66 -2.37 7.87 18.05
CA CYS B 66 -1.83 7.71 19.39
C CYS B 66 -1.41 9.07 19.93
N GLY B 67 -1.66 9.27 21.21
CA GLY B 67 -0.91 10.22 22.01
C GLY B 67 0.13 9.49 22.83
N ALA B 68 0.72 10.21 23.77
CA ALA B 68 1.79 9.60 24.56
C ALA B 68 1.29 8.39 25.32
N ASP B 69 0.15 8.52 25.99
CA ASP B 69 -0.33 7.38 26.75
C ASP B 69 -1.84 7.26 26.65
N HIS B 70 -2.37 7.66 25.51
CA HIS B 70 -3.76 7.40 25.20
C HIS B 70 -3.88 7.13 23.71
N THR B 71 -5.09 6.76 23.27
CA THR B 71 -5.33 6.41 21.89
C THR B 71 -6.67 6.98 21.46
N VAL B 72 -6.77 7.35 20.19
CA VAL B 72 -7.99 7.92 19.67
C VAL B 72 -8.32 7.22 18.36
N ALA B 73 -9.62 7.04 18.09
CA ALA B 73 -10.09 6.32 16.92
C ALA B 73 -11.47 6.85 16.53
N TYR B 74 -11.76 6.88 15.23
CA TYR B 74 -13.04 7.43 14.80
C TYR B 74 -13.62 6.63 13.64
N SER B 75 -14.95 6.62 13.59
CA SER B 75 -15.73 5.93 12.58
C SER B 75 -16.50 6.96 11.76
N GLN B 76 -16.34 6.89 10.44
CA GLN B 76 -17.05 7.79 9.52
C GLN B 76 -18.54 7.50 9.50
N SER B 77 -18.93 6.23 9.38
CA SER B 77 -20.36 5.94 9.28
C SER B 77 -21.04 6.12 10.62
N GLY B 78 -20.41 5.64 11.70
CA GLY B 78 -20.93 5.82 13.06
C GLY B 78 -20.92 7.26 13.55
N MET B 79 -20.30 8.17 12.81
CA MET B 79 -20.14 9.56 13.24
C MET B 79 -19.78 9.63 14.73
N GLU B 80 -18.74 8.88 15.06
CA GLU B 80 -18.35 8.63 16.43
C GLU B 80 -16.84 8.72 16.56
N VAL B 81 -16.38 9.44 17.59
CA VAL B 81 -14.99 9.43 18.01
C VAL B 81 -14.87 8.73 19.35
N TYR B 82 -13.78 7.97 19.53
CA TYR B 82 -13.56 7.17 20.71
C TYR B 82 -12.17 7.48 21.25
N SER B 83 -12.01 7.42 22.58
CA SER B 83 -10.71 7.58 23.21
C SER B 83 -10.61 6.67 24.42
N TRP B 84 -9.36 6.40 24.82
CA TRP B 84 -9.06 5.56 25.96
C TRP B 84 -7.58 5.71 26.31
N GLY B 85 -7.28 5.39 27.57
CA GLY B 85 -5.95 5.49 28.11
C GLY B 85 -5.91 6.45 29.30
N TRP B 86 -4.77 7.09 29.46
CA TRP B 86 -4.55 7.98 30.58
C TRP B 86 -5.38 9.25 30.40
N GLY B 87 -6.13 9.62 31.43
CA GLY B 87 -7.05 10.72 31.28
C GLY B 87 -6.62 12.07 31.83
N ASN B 88 -5.43 12.20 32.42
CA ASN B 88 -5.18 13.43 33.15
C ASN B 88 -5.10 14.64 32.21
N PHE B 89 -5.59 15.77 32.72
CA PHE B 89 -5.64 17.04 32.01
C PHE B 89 -6.69 17.06 30.92
N GLY B 90 -7.54 16.05 30.85
CA GLY B 90 -8.67 16.08 29.93
C GLY B 90 -8.38 15.61 28.53
N ARG B 91 -7.28 14.89 28.32
CA ARG B 91 -6.84 14.55 26.97
C ARG B 91 -7.79 13.57 26.26
N LEU B 92 -8.45 12.68 27.00
CA LEU B 92 -9.51 11.82 26.43
C LEU B 92 -10.77 12.57 26.02
N GLY B 93 -10.98 13.78 26.54
CA GLY B 93 -12.01 14.67 26.03
C GLY B 93 -13.40 14.37 26.54
N HIS B 94 -13.53 13.70 27.67
CA HIS B 94 -14.82 13.30 28.18
C HIS B 94 -15.36 14.24 29.25
N GLY B 95 -14.71 15.38 29.51
CA GLY B 95 -15.12 16.32 30.54
C GLY B 95 -14.62 15.97 31.93
N ASN B 96 -13.68 15.03 32.04
CA ASN B 96 -13.11 14.66 33.32
C ASN B 96 -11.64 14.27 33.10
N SER B 97 -11.00 13.75 34.15
CA SER B 97 -9.58 13.38 34.13
C SER B 97 -9.38 11.93 34.50
N SER B 98 -10.34 11.07 34.25
CA SER B 98 -10.23 9.71 34.75
C SER B 98 -9.73 8.78 33.65
N ASN B 99 -8.95 7.79 34.07
CA ASN B 99 -8.54 6.69 33.22
C ASN B 99 -9.70 6.03 32.52
N LEU B 100 -9.41 5.33 31.43
CA LEU B 100 -10.36 4.49 30.70
C LEU B 100 -9.54 3.38 30.08
N PHE B 101 -9.86 2.13 30.42
CA PHE B 101 -9.16 0.97 29.91
C PHE B 101 -9.87 0.32 28.71
N THR B 102 -10.94 0.93 28.23
CA THR B 102 -11.59 0.48 27.01
C THR B 102 -12.12 1.71 26.31
N PRO B 103 -12.20 1.67 24.98
CA PRO B 103 -12.64 2.85 24.24
C PRO B 103 -14.00 3.33 24.71
N LEU B 104 -14.20 4.65 24.68
CA LEU B 104 -15.44 5.25 25.04
C LEU B 104 -15.70 6.42 24.11
N PRO B 105 -16.93 6.58 23.60
CA PRO B 105 -17.22 7.68 22.66
C PRO B 105 -17.03 9.06 23.29
N ILE B 106 -16.59 10.01 22.45
CA ILE B 106 -16.40 11.39 22.86
C ILE B 106 -17.71 12.11 22.52
N LYS B 107 -18.54 12.31 23.54
CA LYS B 107 -19.87 12.87 23.32
C LYS B 107 -19.82 14.13 22.50
N ALA B 108 -18.84 14.99 22.79
CA ALA B 108 -18.80 16.29 22.15
C ALA B 108 -18.56 16.19 20.66
N LEU B 109 -18.11 15.06 20.16
CA LEU B 109 -17.85 14.96 18.73
C LEU B 109 -18.90 14.14 17.99
N HIS B 110 -19.89 13.58 18.69
CA HIS B 110 -20.89 12.74 18.04
C HIS B 110 -21.54 13.47 16.86
N GLY B 111 -21.73 12.74 15.75
CA GLY B 111 -22.37 13.34 14.59
C GLY B 111 -21.56 14.42 13.88
N ILE B 112 -20.26 14.51 14.11
CA ILE B 112 -19.44 15.48 13.40
C ILE B 112 -18.69 14.78 12.29
N ARG B 113 -18.65 15.42 11.12
CA ARG B 113 -17.84 14.98 9.99
C ARG B 113 -16.37 15.25 10.31
N ILE B 114 -15.58 14.20 10.49
CA ILE B 114 -14.18 14.31 10.90
C ILE B 114 -13.29 14.20 9.67
N LYS B 115 -12.36 15.14 9.54
CA LYS B 115 -11.35 15.11 8.48
C LYS B 115 -10.07 14.47 8.98
N GLN B 116 -9.69 14.75 10.21
CA GLN B 116 -8.41 14.28 10.71
C GLN B 116 -8.38 14.52 12.21
N ILE B 117 -7.61 13.68 12.90
CA ILE B 117 -7.42 13.77 14.34
C ILE B 117 -5.95 13.62 14.66
N ALA B 118 -5.40 14.58 15.39
CA ALA B 118 -4.00 14.55 15.80
C ALA B 118 -3.93 14.62 17.31
N CYS B 119 -3.07 13.77 17.85
CA CYS B 119 -2.73 13.71 19.25
C CYS B 119 -1.27 14.10 19.45
N GLY B 120 -1.04 15.05 20.35
CA GLY B 120 0.26 15.30 20.92
C GLY B 120 0.42 14.38 22.10
N ASP B 121 1.29 14.79 23.02
CA ASP B 121 1.56 13.94 24.18
C ASP B 121 0.36 13.94 25.12
N SER B 122 -0.23 15.11 25.34
CA SER B 122 -1.34 15.24 26.28
C SER B 122 -2.41 16.19 25.81
N HIS B 123 -2.43 16.53 24.53
CA HIS B 123 -3.56 17.25 23.97
C HIS B 123 -3.86 16.68 22.59
N CYS B 124 -5.06 16.98 22.12
CA CYS B 124 -5.64 16.39 20.93
C CYS B 124 -6.39 17.46 20.17
N LEU B 125 -6.50 17.28 18.86
CA LEU B 125 -7.23 18.19 18.00
C LEU B 125 -7.94 17.37 16.94
N ALA B 126 -9.14 17.81 16.58
CA ALA B 126 -9.91 17.19 15.51
C ALA B 126 -10.27 18.27 14.51
N VAL B 127 -10.05 17.97 13.23
CA VAL B 127 -10.43 18.82 12.11
C VAL B 127 -11.72 18.28 11.52
N THR B 128 -12.70 19.16 11.25
CA THR B 128 -13.95 18.73 10.63
C THR B 128 -13.81 18.80 9.10
N MET B 129 -14.78 18.17 8.40
CA MET B 129 -14.81 18.25 6.93
C MET B 129 -15.03 19.67 6.46
N GLU B 130 -15.66 20.50 7.30
CA GLU B 130 -15.82 21.92 7.06
C GLU B 130 -14.54 22.70 7.28
N GLY B 131 -13.50 22.03 7.76
CA GLY B 131 -12.22 22.65 7.97
C GLY B 131 -12.09 23.41 9.27
N GLU B 132 -12.99 23.23 10.24
CA GLU B 132 -12.77 23.85 11.54
C GLU B 132 -12.11 22.85 12.50
N VAL B 133 -11.63 23.39 13.63
CA VAL B 133 -10.73 22.66 14.51
C VAL B 133 -11.25 22.72 15.94
N GLN B 134 -11.29 21.56 16.60
CA GLN B 134 -11.57 21.52 18.03
C GLN B 134 -10.43 20.84 18.78
N SER B 135 -10.05 21.41 19.92
CA SER B 135 -8.89 20.98 20.69
C SER B 135 -9.31 20.70 22.12
N TRP B 136 -8.58 19.79 22.76
CA TRP B 136 -8.80 19.49 24.17
C TRP B 136 -7.55 18.91 24.80
N GLY B 137 -7.50 18.98 26.12
CA GLY B 137 -6.40 18.44 26.90
C GLY B 137 -5.54 19.50 27.55
N ARG B 138 -4.25 19.18 27.69
CA ARG B 138 -3.29 20.06 28.34
C ARG B 138 -3.08 21.33 27.55
N ASN B 139 -3.12 22.48 28.24
CA ASN B 139 -2.96 23.80 27.63
C ASN B 139 -1.95 24.65 28.40
N GLN B 140 -1.16 24.05 29.26
CA GLN B 140 -0.13 24.72 30.04
C GLN B 140 0.57 25.83 29.27
N ASN B 141 0.85 25.63 27.98
CA ASN B 141 1.62 26.61 27.20
C ASN B 141 0.83 27.18 26.02
N GLY B 142 -0.49 27.06 26.02
CA GLY B 142 -1.30 27.59 24.95
C GLY B 142 -1.49 26.68 23.75
N GLN B 143 -0.99 25.43 23.80
CA GLN B 143 -1.05 24.50 22.68
C GLN B 143 -2.49 24.19 22.21
N LEU B 144 -3.52 24.50 23.00
CA LEU B 144 -4.89 24.32 22.51
C LEU B 144 -5.30 25.41 21.56
N GLY B 145 -4.62 26.55 21.62
CA GLY B 145 -4.94 27.59 20.69
C GLY B 145 -6.21 28.34 21.03
N LEU B 146 -6.67 28.24 22.26
CA LEU B 146 -7.90 28.88 22.72
C LEU B 146 -7.67 30.25 23.33
N GLY B 147 -6.43 30.67 23.46
CA GLY B 147 -6.11 31.99 23.94
C GLY B 147 -5.74 32.08 25.41
N ASP B 148 -5.73 30.97 26.14
CA ASP B 148 -5.28 31.01 27.52
C ASP B 148 -4.41 29.80 27.77
N THR B 149 -4.09 29.56 29.03
CA THR B 149 -3.35 28.38 29.41
C THR B 149 -4.16 27.46 30.31
N GLU B 150 -5.46 27.40 30.09
CA GLU B 150 -6.36 26.59 30.90
C GLU B 150 -6.65 25.26 30.18
N ASP B 151 -6.35 24.16 30.86
CA ASP B 151 -6.70 22.86 30.31
C ASP B 151 -8.18 22.89 29.90
N SER B 152 -8.56 22.05 28.94
CA SER B 152 -9.94 21.92 28.48
C SER B 152 -10.25 20.44 28.47
N LEU B 153 -11.25 20.06 29.26
CA LEU B 153 -11.55 18.64 29.45
C LEU B 153 -12.48 18.15 28.34
N VAL B 154 -12.89 19.05 27.47
CA VAL B 154 -13.77 18.72 26.34
C VAL B 154 -13.30 19.49 25.11
N PRO B 155 -13.53 18.93 23.93
CA PRO B 155 -13.24 19.68 22.69
C PRO B 155 -13.91 21.03 22.71
N GLN B 156 -13.15 22.07 22.32
CA GLN B 156 -13.64 23.41 22.09
C GLN B 156 -13.12 23.92 20.76
N LYS B 157 -13.92 24.74 20.10
CA LYS B 157 -13.59 25.25 18.78
C LYS B 157 -12.48 26.29 18.88
N ILE B 158 -11.51 26.18 17.99
CA ILE B 158 -10.49 27.22 17.91
C ILE B 158 -11.14 28.34 17.12
N GLN B 159 -11.70 29.33 17.84
CA GLN B 159 -12.36 30.46 17.18
C GLN B 159 -11.40 31.20 16.27
N ALA B 160 -10.12 31.19 16.61
CA ALA B 160 -9.14 31.89 15.81
C ALA B 160 -9.12 31.45 14.34
N PHE B 161 -9.60 30.25 14.01
CA PHE B 161 -9.59 29.84 12.62
C PHE B 161 -10.91 30.12 11.90
N GLU B 162 -11.83 30.89 12.51
CA GLU B 162 -13.07 31.21 11.82
C GLU B 162 -12.72 31.87 10.48
N GLY B 163 -13.45 31.45 9.44
CA GLY B 163 -13.14 31.81 8.06
C GLY B 163 -11.98 31.06 7.43
N ILE B 164 -11.39 30.07 8.09
CA ILE B 164 -10.19 29.41 7.59
C ILE B 164 -10.40 27.90 7.62
N ARG B 165 -10.43 27.26 6.44
CA ARG B 165 -10.53 25.81 6.34
C ARG B 165 -9.15 25.20 6.62
N ILE B 166 -9.05 24.41 7.67
CA ILE B 166 -7.83 23.70 8.01
C ILE B 166 -7.86 22.35 7.32
N LYS B 167 -6.69 21.95 6.81
CA LYS B 167 -6.52 20.63 6.20
C LYS B 167 -6.02 19.58 7.19
N MET B 168 -4.92 19.83 7.88
CA MET B 168 -4.45 18.90 8.89
C MET B 168 -3.71 19.64 9.99
N VAL B 169 -3.63 18.99 11.16
CA VAL B 169 -2.92 19.54 12.30
C VAL B 169 -1.92 18.49 12.79
N ALA B 170 -0.96 18.97 13.57
CA ALA B 170 -0.01 18.09 14.22
C ALA B 170 0.31 18.68 15.58
N ALA B 171 0.68 17.82 16.52
CA ALA B 171 0.81 18.21 17.90
C ALA B 171 2.00 17.48 18.50
N GLY B 172 2.80 18.20 19.25
CA GLY B 172 3.93 17.67 19.98
C GLY B 172 3.70 17.64 21.47
N ALA B 173 4.76 17.83 22.23
CA ALA B 173 4.61 17.76 23.68
C ALA B 173 3.86 18.97 24.22
N GLU B 174 4.05 20.11 23.62
CA GLU B 174 3.63 21.37 24.20
C GLU B 174 3.33 22.36 23.09
N HIS B 175 3.32 21.92 21.84
CA HIS B 175 3.01 22.82 20.75
C HIS B 175 2.21 22.12 19.68
N THR B 176 1.72 22.96 18.77
CA THR B 176 0.79 22.53 17.76
C THR B 176 1.10 23.30 16.48
N ALA B 177 0.86 22.64 15.36
CA ALA B 177 1.06 23.19 14.04
C ALA B 177 -0.13 22.79 13.18
N ALA B 178 -0.40 23.56 12.12
CA ALA B 178 -1.50 23.21 11.22
C ALA B 178 -1.24 23.77 9.84
N VAL B 179 -1.83 23.13 8.82
CA VAL B 179 -1.82 23.66 7.46
C VAL B 179 -3.26 23.83 7.02
N THR B 180 -3.50 24.86 6.22
CA THR B 180 -4.83 25.12 5.71
C THR B 180 -5.00 24.46 4.34
N GLU B 181 -6.27 24.37 3.92
CA GLU B 181 -6.57 23.71 2.65
C GLU B 181 -5.87 24.39 1.50
N ASP B 182 -5.57 25.69 1.64
CA ASP B 182 -4.93 26.46 0.58
C ASP B 182 -3.49 26.86 0.92
N GLY B 183 -2.82 26.09 1.77
CA GLY B 183 -1.37 26.11 1.83
C GLY B 183 -0.76 26.80 3.03
N ASP B 184 -1.49 27.60 3.79
CA ASP B 184 -0.88 28.38 4.86
C ASP B 184 -0.43 27.48 6.00
N LEU B 185 0.63 27.90 6.68
CA LEU B 185 1.23 27.14 7.79
C LEU B 185 1.06 27.95 9.08
N TYR B 186 0.71 27.26 10.16
CA TYR B 186 0.48 27.89 11.46
C TYR B 186 1.20 27.14 12.55
N GLY B 187 1.56 27.88 13.59
CA GLY B 187 2.10 27.30 14.81
C GLY B 187 1.61 27.98 16.08
N TRP B 188 1.41 27.20 17.15
CA TRP B 188 1.12 27.82 18.43
C TRP B 188 1.48 26.87 19.56
N GLY B 189 1.36 27.42 20.77
CA GLY B 189 1.86 26.83 21.99
C GLY B 189 3.25 27.31 22.40
N TRP B 190 3.96 26.40 23.02
CA TRP B 190 5.32 26.63 23.48
C TRP B 190 6.26 26.84 22.29
N GLY B 191 7.03 27.93 22.30
CA GLY B 191 7.86 28.30 21.17
C GLY B 191 9.33 28.39 21.52
N ARG B 192 9.67 28.04 22.74
CA ARG B 192 11.00 28.28 23.30
C ARG B 192 12.15 27.87 22.37
N TYR B 193 11.96 26.89 21.49
CA TYR B 193 13.07 26.36 20.69
C TYR B 193 12.99 26.76 19.23
N GLY B 194 12.07 27.64 18.88
CA GLY B 194 11.88 28.04 17.50
C GLY B 194 10.90 27.14 16.76
N ASN B 195 10.36 26.15 17.45
CA ASN B 195 9.54 25.11 16.87
C ASN B 195 8.18 25.58 16.37
N LEU B 196 7.77 26.85 16.62
CA LEU B 196 6.56 27.30 15.96
C LEU B 196 6.83 27.82 14.56
N GLY B 197 8.09 28.01 14.19
CA GLY B 197 8.47 28.54 12.89
C GLY B 197 8.20 30.04 12.69
N LEU B 198 8.15 30.82 13.76
CA LEU B 198 7.65 32.18 13.69
C LEU B 198 8.74 33.23 13.68
N GLY B 199 10.00 32.85 13.85
CA GLY B 199 11.09 33.79 13.91
C GLY B 199 11.62 34.13 15.29
N ASP B 200 11.10 33.51 16.35
CA ASP B 200 11.51 33.87 17.70
C ASP B 200 11.30 32.67 18.62
N ARG B 201 11.41 32.94 19.93
CA ARG B 201 11.34 31.92 20.97
C ARG B 201 10.17 32.14 21.91
N THR B 202 9.16 32.90 21.49
CA THR B 202 8.07 33.27 22.39
C THR B 202 6.81 32.41 22.12
N ASP B 203 6.18 31.98 23.22
CA ASP B 203 4.97 31.18 23.15
C ASP B 203 3.83 31.94 22.52
N ARG B 204 2.85 31.19 21.99
CA ARG B 204 1.65 31.71 21.36
C ARG B 204 0.44 30.99 21.92
N LEU B 205 -0.57 31.78 22.34
CA LEU B 205 -1.77 31.23 22.94
C LEU B 205 -2.88 31.01 21.92
N VAL B 206 -2.69 31.48 20.69
CA VAL B 206 -3.60 31.17 19.59
C VAL B 206 -2.78 30.99 18.32
N PRO B 207 -3.35 30.34 17.30
CA PRO B 207 -2.63 30.16 16.03
C PRO B 207 -2.02 31.45 15.51
N GLU B 208 -0.80 31.33 14.95
CA GLU B 208 -0.16 32.41 14.21
C GLU B 208 0.46 31.89 12.93
N ARG B 209 0.24 32.62 11.83
CA ARG B 209 0.68 32.19 10.51
C ARG B 209 2.18 32.37 10.35
N VAL B 210 2.83 31.32 9.89
CA VAL B 210 4.23 31.45 9.50
C VAL B 210 4.30 32.29 8.24
N THR B 211 5.14 33.31 8.27
CA THR B 211 5.30 34.22 7.15
C THR B 211 6.57 33.94 6.34
N SER B 212 7.45 33.07 6.82
CA SER B 212 8.73 32.74 6.18
C SER B 212 8.68 31.47 5.34
N THR B 213 7.63 31.36 4.52
CA THR B 213 7.55 30.31 3.51
C THR B 213 7.43 30.87 2.11
N GLY B 214 6.97 32.12 1.97
CA GLY B 214 6.77 32.73 0.67
C GLY B 214 5.53 32.19 0.02
N GLY B 215 5.67 31.84 -1.26
CA GLY B 215 4.61 31.14 -1.97
C GLY B 215 4.61 29.64 -1.75
N GLU B 216 5.62 29.08 -1.10
CA GLU B 216 5.61 27.65 -0.85
C GLU B 216 4.44 27.31 0.06
N LYS B 217 3.51 26.56 -0.49
CA LYS B 217 2.34 26.08 0.21
C LYS B 217 2.69 24.77 0.89
N MET B 218 2.24 24.62 2.13
CA MET B 218 2.56 23.43 2.89
C MET B 218 1.36 22.50 2.88
N SER B 219 1.63 21.23 2.60
CA SER B 219 0.58 20.23 2.51
C SER B 219 0.50 19.35 3.75
N MET B 220 1.56 19.24 4.55
CA MET B 220 1.45 18.44 5.75
C MET B 220 2.42 18.97 6.79
N VAL B 221 2.19 18.59 8.04
CA VAL B 221 3.02 19.01 9.14
C VAL B 221 3.05 17.86 10.16
N ALA B 222 4.19 17.73 10.84
CA ALA B 222 4.37 16.84 12.00
C ALA B 222 5.21 17.54 13.05
N CYS B 223 5.17 17.01 14.28
CA CYS B 223 5.77 17.66 15.42
C CYS B 223 6.42 16.60 16.28
N GLY B 224 7.57 16.93 16.83
CA GLY B 224 8.15 16.21 17.94
C GLY B 224 8.15 17.06 19.20
N TRP B 225 9.03 16.68 20.13
CA TRP B 225 9.07 17.38 21.40
C TRP B 225 9.47 18.83 21.22
N ARG B 226 10.49 19.11 20.38
CA ARG B 226 11.04 20.45 20.22
C ARG B 226 11.32 20.77 18.78
N HIS B 227 10.68 20.09 17.84
CA HIS B 227 10.91 20.35 16.43
C HIS B 227 9.63 20.12 15.69
N THR B 228 9.57 20.67 14.50
CA THR B 228 8.40 20.57 13.67
C THR B 228 8.90 20.32 12.27
N ILE B 229 8.11 19.59 11.50
CA ILE B 229 8.44 19.22 10.13
C ILE B 229 7.28 19.66 9.27
N SER B 230 7.56 20.26 8.10
CA SER B 230 6.54 20.48 7.08
C SER B 230 7.05 20.04 5.73
N VAL B 231 6.10 19.83 4.81
CA VAL B 231 6.38 19.48 3.42
C VAL B 231 5.52 20.36 2.52
N SER B 232 6.13 20.87 1.45
CA SER B 232 5.43 21.77 0.55
C SER B 232 4.71 21.00 -0.54
N TYR B 233 3.97 21.72 -1.37
CA TYR B 233 3.27 21.07 -2.46
C TYR B 233 4.20 20.66 -3.58
N SER B 234 5.38 21.31 -3.70
CA SER B 234 6.43 20.85 -4.62
C SER B 234 7.28 19.71 -4.04
N GLY B 235 6.91 19.17 -2.88
CA GLY B 235 7.59 18.01 -2.32
C GLY B 235 8.83 18.32 -1.52
N ALA B 236 9.11 19.60 -1.26
CA ALA B 236 10.25 20.01 -0.45
C ALA B 236 9.97 19.83 1.04
N LEU B 237 10.98 19.39 1.78
CA LEU B 237 10.84 19.13 3.21
C LEU B 237 11.52 20.21 4.03
N TYR B 238 10.88 20.65 5.11
CA TYR B 238 11.36 21.75 5.95
C TYR B 238 11.33 21.31 7.41
N THR B 239 12.38 21.62 8.16
CA THR B 239 12.34 21.39 9.59
C THR B 239 12.66 22.69 10.35
N TYR B 240 12.29 22.71 11.63
CA TYR B 240 12.59 23.86 12.48
C TYR B 240 12.35 23.47 13.92
N GLY B 241 13.02 24.17 14.82
CA GLY B 241 13.09 23.75 16.19
C GLY B 241 14.53 23.65 16.62
N TRP B 242 14.74 22.83 17.64
CA TRP B 242 16.05 22.42 18.14
C TRP B 242 16.64 21.31 17.27
N SER B 243 17.98 21.23 17.25
CA SER B 243 18.62 20.08 16.60
C SER B 243 19.71 19.50 17.46
N LYS B 244 19.57 19.53 18.77
CA LYS B 244 20.64 18.97 19.58
C LYS B 244 20.92 17.50 19.24
N TYR B 245 19.92 16.74 18.78
CA TYR B 245 20.13 15.33 18.49
C TYR B 245 20.14 15.03 17.00
N GLY B 246 20.18 16.05 16.15
CA GLY B 246 20.06 15.85 14.72
C GLY B 246 18.65 15.95 14.13
N GLN B 247 17.61 16.05 14.97
CA GLN B 247 16.23 15.88 14.49
C GLN B 247 15.85 16.85 13.39
N LEU B 248 16.61 17.91 13.17
CA LEU B 248 16.28 18.82 12.07
C LEU B 248 16.85 18.36 10.73
N GLY B 249 17.90 17.54 10.77
CA GLY B 249 18.38 16.78 9.64
C GLY B 249 19.27 17.52 8.65
N HIS B 250 19.93 18.59 9.09
CA HIS B 250 20.61 19.49 8.18
C HIS B 250 22.11 19.22 8.10
N GLY B 251 22.59 18.15 8.72
CA GLY B 251 24.00 17.83 8.69
C GLY B 251 24.82 18.61 9.67
N ASP B 252 24.15 19.33 10.56
CA ASP B 252 24.76 20.03 11.69
C ASP B 252 23.75 19.95 12.85
N LEU B 253 23.97 20.79 13.88
CA LEU B 253 23.20 20.74 15.11
C LEU B 253 22.59 22.09 15.44
N GLU B 254 22.34 22.88 14.42
CA GLU B 254 21.93 24.26 14.57
C GLU B 254 20.42 24.38 14.73
N ASP B 255 20.00 25.30 15.62
CA ASP B 255 18.63 25.80 15.69
C ASP B 255 18.14 26.34 14.36
N HIS B 256 16.85 26.23 14.15
CA HIS B 256 16.21 27.00 13.10
C HIS B 256 14.88 27.50 13.61
N LEU B 257 14.76 28.81 13.70
CA LEU B 257 13.57 29.46 14.19
C LEU B 257 12.55 29.69 13.10
N ILE B 258 12.92 29.49 11.84
CA ILE B 258 11.95 29.50 10.76
C ILE B 258 12.11 28.21 9.97
N PRO B 259 11.11 27.85 9.16
CA PRO B 259 11.25 26.62 8.37
C PRO B 259 12.46 26.75 7.48
N HIS B 260 13.32 25.74 7.57
CA HIS B 260 14.57 25.65 6.84
C HIS B 260 14.53 24.40 5.97
N LYS B 261 14.71 24.57 4.66
CA LYS B 261 14.66 23.44 3.74
C LYS B 261 15.81 22.46 3.93
N LEU B 262 15.54 21.18 3.74
CA LEU B 262 16.59 20.19 3.87
C LEU B 262 17.03 19.82 2.46
N GLU B 263 18.20 20.37 2.09
CA GLU B 263 18.68 20.32 0.71
C GLU B 263 19.05 18.91 0.29
N ALA B 264 19.57 18.11 1.20
CA ALA B 264 19.89 16.73 0.93
C ALA B 264 18.72 15.91 0.35
N LEU B 265 17.47 16.31 0.61
CA LEU B 265 16.31 15.65 0.03
C LEU B 265 15.73 16.42 -1.15
N SER B 266 16.41 17.46 -1.62
CA SER B 266 15.80 18.36 -2.60
C SER B 266 15.57 17.69 -3.94
N ASN B 267 16.22 16.53 -4.17
CA ASN B 267 15.97 15.68 -5.32
C ASN B 267 14.70 14.86 -5.14
N SER B 268 14.43 14.42 -3.90
CA SER B 268 13.33 13.51 -3.60
C SER B 268 12.03 14.28 -3.35
N PHE B 269 10.92 13.68 -3.76
CA PHE B 269 9.61 14.21 -3.42
C PHE B 269 9.13 13.52 -2.15
N ILE B 270 8.85 14.30 -1.11
CA ILE B 270 8.40 13.74 0.17
C ILE B 270 6.89 13.71 0.18
N SER B 271 6.34 12.53 0.45
CA SER B 271 4.90 12.33 0.50
CA SER B 271 4.89 12.35 0.51
C SER B 271 4.35 12.14 1.91
N GLN B 272 5.18 11.81 2.88
CA GLN B 272 4.68 11.55 4.21
C GLN B 272 5.80 11.83 5.19
N ILE B 273 5.43 12.33 6.37
CA ILE B 273 6.39 12.65 7.40
C ILE B 273 5.89 12.18 8.76
N SER B 274 6.81 11.95 9.68
CA SER B 274 6.43 11.63 11.04
C SER B 274 7.53 12.15 11.98
N GLY B 275 7.12 12.60 13.16
CA GLY B 275 8.08 13.08 14.13
C GLY B 275 7.89 12.34 15.42
N GLY B 276 8.99 11.78 15.92
CA GLY B 276 9.06 11.21 17.25
C GLY B 276 9.53 12.27 18.23
N ALA B 277 9.82 11.83 19.45
CA ALA B 277 10.18 12.78 20.49
C ALA B 277 11.41 13.59 20.08
N ARG B 278 12.48 12.90 19.71
CA ARG B 278 13.68 13.54 19.20
C ARG B 278 14.17 12.92 17.90
N HIS B 279 13.33 12.20 17.16
CA HIS B 279 13.74 11.74 15.85
C HIS B 279 12.68 12.02 14.82
N THR B 280 13.03 11.68 13.57
CA THR B 280 12.32 12.16 12.39
C THR B 280 12.32 11.12 11.28
N MET B 281 11.19 11.01 10.56
CA MET B 281 11.06 10.08 9.44
C MET B 281 10.43 10.80 8.27
N ALA B 282 10.97 10.57 7.07
CA ALA B 282 10.41 11.13 5.85
C ALA B 282 10.32 10.03 4.80
N LEU B 283 9.23 10.04 4.06
CA LEU B 283 8.95 9.00 3.09
C LEU B 283 8.83 9.66 1.72
N THR B 284 9.60 9.15 0.75
CA THR B 284 9.53 9.66 -0.62
C THR B 284 8.36 9.04 -1.37
N SER B 285 7.96 9.72 -2.45
CA SER B 285 6.94 9.25 -3.35
C SER B 285 7.33 7.99 -4.12
N ASP B 286 8.59 7.57 -4.11
CA ASP B 286 8.95 6.24 -4.62
C ASP B 286 9.32 5.30 -3.50
N GLY B 287 8.95 5.63 -2.25
CA GLY B 287 8.92 4.63 -1.22
C GLY B 287 10.22 4.39 -0.49
N LYS B 288 11.15 5.34 -0.55
CA LYS B 288 12.34 5.30 0.28
C LYS B 288 12.03 6.00 1.59
N LEU B 289 12.39 5.35 2.69
CA LEU B 289 12.19 5.91 4.01
C LEU B 289 13.52 6.42 4.54
N TYR B 290 13.54 7.67 4.99
CA TYR B 290 14.75 8.27 5.54
C TYR B 290 14.51 8.61 7.02
N GLY B 291 15.46 8.23 7.86
CA GLY B 291 15.35 8.46 9.29
C GLY B 291 16.47 9.34 9.79
N TRP B 292 16.26 10.04 10.91
CA TRP B 292 17.34 10.89 11.45
C TRP B 292 16.98 11.39 12.83
N GLY B 293 18.01 11.89 13.51
CA GLY B 293 17.86 12.44 14.84
C GLY B 293 18.30 11.49 15.94
N TRP B 294 17.63 11.55 17.09
CA TRP B 294 18.03 10.77 18.25
C TRP B 294 18.00 9.29 17.92
N ASN B 295 19.00 8.56 18.39
CA ASN B 295 19.14 7.15 17.99
C ASN B 295 19.67 6.31 19.14
N LYS B 296 19.38 6.69 20.37
CA LYS B 296 19.93 5.98 21.52
C LYS B 296 19.29 4.63 21.73
N PHE B 297 18.05 4.44 21.29
CA PHE B 297 17.39 3.14 21.38
C PHE B 297 17.34 2.43 20.04
N GLY B 298 17.95 3.00 19.01
CA GLY B 298 17.87 2.41 17.70
C GLY B 298 16.70 2.89 16.88
N GLN B 299 15.97 3.91 17.35
CA GLN B 299 14.69 4.30 16.74
C GLN B 299 14.88 4.88 15.33
N VAL B 300 16.10 5.23 14.96
CA VAL B 300 16.34 5.70 13.58
C VAL B 300 16.41 4.51 12.60
N GLY B 301 16.63 3.30 13.11
CA GLY B 301 16.62 2.11 12.27
C GLY B 301 17.72 1.99 11.22
N VAL B 302 18.89 2.53 11.49
CA VAL B 302 20.04 2.44 10.59
C VAL B 302 21.09 1.48 11.11
N GLY B 303 20.76 0.68 12.11
CA GLY B 303 21.62 -0.38 12.56
C GLY B 303 22.69 -0.02 13.57
N ASN B 304 22.61 1.14 14.20
CA ASN B 304 23.49 1.42 15.34
C ASN B 304 22.70 2.21 16.39
N ASN B 305 23.43 2.78 17.34
CA ASN B 305 22.83 3.56 18.42
C ASN B 305 23.49 4.93 18.52
N LEU B 306 23.89 5.46 17.37
CA LEU B 306 24.51 6.77 17.27
C LEU B 306 23.55 7.73 16.60
N ASP B 307 23.51 8.96 17.11
CA ASP B 307 22.57 9.96 16.62
C ASP B 307 22.94 10.35 15.20
N GLN B 308 21.94 10.76 14.43
CA GLN B 308 22.14 11.04 13.00
C GLN B 308 21.67 12.42 12.66
N CME B 309 22.55 13.26 12.16
CA CME B 309 22.19 14.64 11.96
CB CME B 309 23.25 15.61 12.42
SG CME B 309 24.79 15.27 11.65
SD CME B 309 26.09 15.13 13.32
CE CME B 309 27.57 16.00 13.00
CZ CME B 309 27.50 17.44 13.44
OH CME B 309 28.83 17.96 13.46
C CME B 309 21.88 14.93 10.52
O CME B 309 21.58 16.06 10.10
HA CME B 309 21.25 14.83 12.57
HB2 CME B 309 23.36 15.58 13.53
HB3 CME B 309 23.01 16.66 12.11
HE2 CME B 309 27.69 15.94 11.88
HE3 CME B 309 28.47 15.50 13.46
HZ2 CME B 309 27.05 17.52 14.46
HZ3 CME B 309 26.89 18.05 12.71
HH CME B 309 28.83 18.77 12.94
N SER B 310 21.92 13.85 9.73
CA SER B 310 21.53 13.86 8.31
C SER B 310 20.64 12.63 7.96
N PRO B 311 19.73 12.78 6.99
CA PRO B 311 18.84 11.65 6.68
C PRO B 311 19.63 10.44 6.18
N VAL B 312 19.19 9.26 6.61
CA VAL B 312 19.78 8.00 6.19
C VAL B 312 18.63 7.07 5.79
N GLN B 313 18.80 6.34 4.69
CA GLN B 313 17.74 5.46 4.22
C GLN B 313 17.64 4.26 5.14
N VAL B 314 16.42 4.04 5.67
CA VAL B 314 16.10 2.82 6.41
C VAL B 314 15.97 1.69 5.39
N ARG B 315 16.57 0.53 5.70
CA ARG B 315 16.68 -0.57 4.76
C ARG B 315 15.94 -1.78 5.28
N PHE B 316 15.42 -2.57 4.33
CA PHE B 316 14.54 -3.70 4.66
C PHE B 316 14.99 -4.96 3.93
N PRO B 317 14.84 -6.13 4.54
CA PRO B 317 15.56 -7.33 4.02
C PRO B 317 15.32 -7.67 2.55
N ASP B 318 14.19 -7.29 1.96
CA ASP B 318 13.93 -7.52 0.55
C ASP B 318 13.75 -6.19 -0.18
N ASP B 319 14.13 -5.10 0.47
CA ASP B 319 14.11 -3.79 -0.14
C ASP B 319 12.72 -3.37 -0.60
N GLN B 320 11.72 -3.81 0.14
CA GLN B 320 10.36 -3.37 -0.14
C GLN B 320 10.24 -1.87 0.11
N LYS B 321 9.52 -1.19 -0.80
CA LYS B 321 9.15 0.20 -0.63
C LYS B 321 8.21 0.35 0.56
N VAL B 322 8.39 1.44 1.32
CA VAL B 322 7.57 1.75 2.49
C VAL B 322 6.39 2.61 2.01
N VAL B 323 5.22 2.37 2.57
CA VAL B 323 4.03 3.16 2.22
C VAL B 323 3.46 3.95 3.40
N GLN B 324 3.88 3.64 4.63
CA GLN B 324 3.43 4.42 5.80
C GLN B 324 4.46 4.32 6.90
N VAL B 325 4.67 5.43 7.64
CA VAL B 325 5.59 5.38 8.78
C VAL B 325 4.97 6.14 9.93
N SER B 326 5.28 5.73 11.14
CA SER B 326 4.80 6.50 12.28
C SER B 326 5.83 6.39 13.39
N CYS B 327 6.13 7.52 14.03
CA CYS B 327 7.13 7.59 15.09
C CYS B 327 6.47 7.71 16.46
N GLY B 328 6.92 6.90 17.40
CA GLY B 328 6.63 7.13 18.80
C GLY B 328 7.73 7.94 19.47
N TRP B 329 7.65 8.02 20.79
CA TRP B 329 8.69 8.70 21.53
C TRP B 329 10.04 8.09 21.24
N ARG B 330 10.15 6.77 21.36
CA ARG B 330 11.43 6.09 21.31
C ARG B 330 11.46 4.92 20.32
N HIS B 331 10.45 4.79 19.44
CA HIS B 331 10.37 3.69 18.48
C HIS B 331 9.66 4.13 17.20
N THR B 332 9.72 3.27 16.19
CA THR B 332 9.17 3.59 14.87
C THR B 332 8.52 2.34 14.30
N LEU B 333 7.50 2.57 13.49
CA LEU B 333 6.65 1.57 12.88
C LEU B 333 6.57 1.92 11.40
N ALA B 334 6.54 0.90 10.55
CA ALA B 334 6.41 1.16 9.13
C ALA B 334 5.67 -0.02 8.46
N VAL B 335 5.05 0.29 7.32
CA VAL B 335 4.28 -0.67 6.54
C VAL B 335 4.82 -0.62 5.14
N THR B 336 4.98 -1.81 4.51
CA THR B 336 5.58 -1.92 3.18
C THR B 336 4.52 -2.14 2.09
N GLU B 337 4.96 -1.96 0.84
CA GLU B 337 4.12 -2.11 -0.35
C GLU B 337 3.48 -3.49 -0.47
N ARG B 338 4.09 -4.53 0.09
CA ARG B 338 3.55 -5.89 0.00
C ARG B 338 3.05 -6.37 1.36
N ASN B 339 2.69 -5.42 2.23
CA ASN B 339 1.92 -5.68 3.46
C ASN B 339 2.75 -6.43 4.51
N ASN B 340 4.01 -6.02 4.69
CA ASN B 340 4.74 -6.32 5.91
C ASN B 340 4.73 -5.09 6.81
N VAL B 341 4.89 -5.33 8.12
CA VAL B 341 5.01 -4.26 9.10
C VAL B 341 6.28 -4.49 9.90
N PHE B 342 7.10 -3.45 9.98
CA PHE B 342 8.36 -3.49 10.69
C PHE B 342 8.32 -2.52 11.86
N ALA B 343 9.17 -2.79 12.84
CA ALA B 343 9.22 -1.97 14.04
C ALA B 343 10.67 -1.93 14.51
N TRP B 344 11.05 -0.81 15.08
CA TRP B 344 12.42 -0.68 15.54
C TRP B 344 12.55 0.45 16.56
N GLY B 345 13.58 0.31 17.41
CA GLY B 345 13.84 1.26 18.43
C GLY B 345 13.61 0.62 19.78
N ARG B 346 13.07 1.42 20.68
CA ARG B 346 12.86 0.98 22.05
C ARG B 346 11.78 -0.06 22.08
N GLY B 347 12.03 -1.17 22.76
CA GLY B 347 11.09 -2.27 22.75
C GLY B 347 10.90 -2.95 24.08
N THR B 348 11.35 -2.31 25.16
CA THR B 348 11.25 -2.92 26.48
C THR B 348 9.81 -3.08 26.96
N ASN B 349 8.88 -2.28 26.46
CA ASN B 349 7.47 -2.47 26.81
C ASN B 349 6.74 -3.35 25.81
N GLY B 350 7.46 -3.95 24.86
CA GLY B 350 6.82 -4.80 23.87
C GLY B 350 6.15 -4.02 22.77
N GLN B 351 6.49 -2.74 22.64
CA GLN B 351 5.87 -1.87 21.66
C GLN B 351 6.34 -2.14 20.23
N LEU B 352 7.42 -2.91 20.06
CA LEU B 352 7.77 -3.41 18.74
C LEU B 352 6.89 -4.56 18.28
N GLY B 353 6.06 -5.11 19.18
CA GLY B 353 5.20 -6.23 18.86
C GLY B 353 5.85 -7.45 18.22
N ILE B 354 7.11 -7.74 18.58
CA ILE B 354 7.79 -8.90 18.02
C ILE B 354 7.99 -9.92 19.13
N GLY B 355 6.97 -10.11 19.95
CA GLY B 355 7.02 -11.11 20.99
C GLY B 355 7.95 -10.80 22.14
N GLU B 356 9.22 -10.63 21.84
CA GLU B 356 10.22 -10.33 22.85
C GLU B 356 9.93 -8.97 23.47
N SER B 357 10.87 -8.45 24.24
CA SER B 357 10.72 -7.13 24.84
C SER B 357 12.11 -6.51 24.97
N VAL B 358 12.86 -6.55 23.88
CA VAL B 358 14.20 -5.99 23.81
C VAL B 358 14.17 -4.90 22.77
N ASP B 359 15.16 -4.02 22.85
CA ASP B 359 15.28 -2.99 21.85
C ASP B 359 15.82 -3.58 20.57
N ARG B 360 15.76 -2.81 19.50
CA ARG B 360 16.32 -3.24 18.24
C ARG B 360 16.61 -1.99 17.43
N ASN B 361 17.79 -1.96 16.79
CA ASN B 361 18.23 -0.76 16.08
C ASN B 361 18.18 -0.91 14.56
N PHE B 362 17.52 -1.95 14.05
CA PHE B 362 17.17 -2.04 12.64
C PHE B 362 15.79 -2.67 12.51
N PRO B 363 15.15 -2.54 11.37
CA PRO B 363 13.76 -3.03 11.25
C PRO B 363 13.64 -4.52 11.53
N LYS B 364 12.69 -4.87 12.40
CA LYS B 364 12.30 -6.25 12.68
C LYS B 364 10.85 -6.41 12.24
N ILE B 365 10.57 -7.48 11.48
CA ILE B 365 9.22 -7.71 10.97
C ILE B 365 8.31 -8.10 12.13
N ILE B 366 7.08 -7.59 12.09
CA ILE B 366 6.06 -8.03 13.02
C ILE B 366 5.30 -9.15 12.30
N GLU B 367 5.56 -10.40 12.72
CA GLU B 367 5.06 -11.57 12.00
C GLU B 367 3.54 -11.64 12.06
N ALA B 368 2.96 -11.39 13.24
CA ALA B 368 1.52 -11.44 13.37
C ALA B 368 0.79 -10.52 12.39
N LEU B 369 1.45 -9.48 11.89
CA LEU B 369 0.80 -8.54 10.99
C LEU B 369 1.38 -8.57 9.59
N SER B 370 2.26 -9.54 9.30
CA SER B 370 3.00 -9.50 8.05
C SER B 370 2.72 -10.72 7.19
N VAL B 371 2.74 -10.47 5.87
CA VAL B 371 2.75 -11.52 4.87
C VAL B 371 4.00 -12.37 5.01
N ASP B 372 5.16 -11.74 5.12
CA ASP B 372 6.43 -12.44 5.31
C ASP B 372 6.65 -12.89 6.74
N GLY B 373 5.72 -12.62 7.65
CA GLY B 373 5.86 -13.03 9.05
C GLY B 373 6.31 -14.44 9.40
N NO3 C . 3.85 -10.22 -2.33
O1 NO3 C . 3.88 -10.50 -1.08
O2 NO3 C . 2.72 -10.08 -2.90
O3 NO3 C . 4.94 -10.09 -2.99
N NO3 D . 2.47 -9.10 -9.35
O1 NO3 D . 2.04 -9.68 -10.42
O2 NO3 D . 2.87 -7.90 -9.38
O3 NO3 D . 2.48 -9.68 -8.21
C1 PEG E . -3.79 -26.74 -22.97
O1 PEG E . -4.08 -26.60 -24.33
C2 PEG E . -4.77 -27.73 -22.35
O2 PEG E . -5.01 -28.86 -23.14
C3 PEG E . -6.30 -29.45 -23.15
C4 PEG E . -6.78 -29.50 -24.62
O4 PEG E . -7.96 -30.25 -24.79
H11 PEG E . -3.87 -25.88 -22.53
H12 PEG E . -2.88 -27.07 -22.87
HO1 PEG E . -4.88 -26.35 -24.43
H21 PEG E . -5.61 -27.28 -22.19
H22 PEG E . -4.42 -28.01 -21.49
H31 PEG E . -6.91 -28.91 -22.63
H32 PEG E . -6.26 -30.35 -22.80
H41 PEG E . -6.08 -29.88 -25.16
H42 PEG E . -6.94 -28.59 -24.92
HO4 PEG E . -8.60 -29.85 -24.41
N NO3 F . 10.79 -6.70 3.18
O1 NO3 F . 11.06 -7.86 3.69
O2 NO3 F . 9.61 -6.23 3.32
O3 NO3 F . 11.69 -6.01 2.55
N NO3 G . 14.26 17.22 22.52
O1 NO3 G . 14.14 16.89 23.75
O2 NO3 G . 13.27 17.52 21.80
O3 NO3 G . 15.41 17.23 21.98
C1 PEG H . 12.87 17.73 -7.79
O1 PEG H . 12.89 16.91 -8.93
C2 PEG H . 11.83 17.18 -6.81
O2 PEG H . 12.11 17.67 -5.51
C3 PEG H . 11.24 18.62 -4.95
C4 PEG H . 11.97 19.94 -4.67
O4 PEG H . 11.01 20.95 -4.41
H11 PEG H . 12.62 18.63 -8.05
H12 PEG H . 13.75 17.73 -7.38
HO1 PEG H . 12.36 16.26 -8.82
H21 PEG H . 11.88 16.22 -6.80
H22 PEG H . 10.95 17.47 -7.08
H31 PEG H . 10.88 18.27 -4.13
H32 PEG H . 10.51 18.79 -5.57
H41 PEG H . 12.50 20.19 -5.45
H42 PEG H . 12.55 19.84 -3.90
HO4 PEG H . 11.41 21.65 -4.15
C1 PEG I . -4.28 -0.04 -2.61
O1 PEG I . -2.90 -0.25 -2.64
C2 PEG I . -4.87 -0.73 -1.39
O2 PEG I . -6.16 -0.25 -1.18
C3 PEG I . -6.53 -0.06 0.16
C4 PEG I . -5.68 1.03 0.84
O4 PEG I . -4.91 0.45 1.86
H11 PEG I . -4.67 -0.41 -3.42
H12 PEG I . -4.46 0.91 -2.57
HO1 PEG I . -2.72 -0.94 -3.11
H21 PEG I . -4.32 -0.54 -0.61
H22 PEG I . -4.90 -1.69 -1.54
H31 PEG I . -6.41 -0.90 0.64
H32 PEG I . -7.46 0.20 0.20
H41 PEG I . -6.26 1.70 1.21
H42 PEG I . -5.09 1.43 0.18
HO4 PEG I . -5.42 -0.01 2.37
C1 PGE J . 8.43 20.22 27.49
O1 PGE J . 9.04 20.82 26.36
C2 PGE J . 8.19 18.78 27.10
O2 PGE J . 9.39 18.04 27.16
C3 PGE J . 9.16 16.63 27.04
C4 PGE J . 10.20 15.94 27.88
O4 PGE J . 14.59 17.56 28.01
C6 PGE J . 13.80 16.49 27.49
C5 PGE J . 12.56 16.25 28.34
O3 PGE J . 11.42 16.61 27.57
H1 PGE J . 9.07 20.25 28.38
H12 PGE J . 7.46 20.69 27.73
HO1 PGE J . 8.64 20.42 25.57
H2 PGE J . 7.45 18.34 27.80
H22 PGE J . 7.75 18.75 26.09
H3 PGE J . 8.15 16.37 27.42
H32 PGE J . 9.24 16.30 26.00
H4 PGE J . 9.95 16.04 28.95
H42 PGE J . 10.24 14.87 27.63
HO4 PGE J . 15.46 17.51 27.60
H6 PGE J . 14.38 15.56 27.46
H62 PGE J . 13.47 16.71 26.46
H5 PGE J . 12.63 16.86 29.26
H52 PGE J . 12.52 15.19 28.63
#